data_9M57
#
_entry.id   9M57
#
_cell.length_a   1.00
_cell.length_b   1.00
_cell.length_c   1.00
_cell.angle_alpha   90.00
_cell.angle_beta   90.00
_cell.angle_gamma   90.00
#
_symmetry.space_group_name_H-M   'P 1'
#
loop_
_entity.id
_entity.type
_entity.pdbx_description
1 polymer 'G-protein alpha subunit'
2 polymer 'Guanine nucleotide-binding protein G(I)/G(S)/G(T) subunit beta-1'
3 polymer 'G-protein gamma subunit'
4 polymer 'octopamine b2 receptor'
5 polymer 'single chain Fv'
6 non-polymer 4-(2R-AMINO-1-HYDROXYETHYL)PHENOL
#
loop_
_entity_poly.entity_id
_entity_poly.type
_entity_poly.pdbx_seq_one_letter_code
_entity_poly.pdbx_strand_id
1 'polypeptide(L)'
;MKDHLIHNHHKHEHAHAEHLYFQGSSGSSGMASTLSAEDKAAVERSKMIEKQIQKDKQIYRATHRLLLLGAGESGKNTIV
KQMRILHVNGFSEEEKKQKIEDIKKNIRDAILTITGAMSTLVPPVQLQKSENQWRVDYIQDVASSPDFDYPAEFYEHTEI
LWKDKGVQAAFERSNEYQLIDCAKYFLDRVATIKQLDYTPNEQDILRCRVLTSGIFETKFQVDKVNFHMFDVGAQRDERR
KWIQCFNDVTAIIFVTACSSYNMVLREDPNQNRLRASLKLFDSIWNNKWLRDTSVILFLNKQDLLAEKIKAGKSRLEEYF
PEFAHYQTPSDAVIETGEDPEVIRAKYFIRDEFLRISTASGDGKHYCYPHFTCSVDTENIRRVFNDCRDIIQRMHLRQYE
LL
;
A
2 'polypeptide(L)'
;MDYKDDDDKENLYFQGGSMSELDQLRQEAEQLKNQIRDARKACADATLSQITNNIDPVGRIQMRTRRTLRGHLAKIYAMH
WGTDSRLLVSASQDGKLIIWDSYTTNKVHAIPLRSSWVMTCAYAPSGNYVACGGLDNICSIYNLKTREGNVRVSRELAGH
TGYLSCCRFLDDNQIVTSSGDTTCALWDIETGQQTTTFTGHTGDVMSLSLAPDTRLFVSGACDASAKLWDVREGMCRQTF
TGHESDINAICFFPNGNAFATGSDDATCRLFDLRADQELMTYSHDNIICGITSVSFSKSGRLLLAGYDDFNCNVWDALKA
DRAGVLAGHDNRVSCLGVTDDGMAVATGSWDSFLKIWN
;
B
3 'polypeptide(L)'
;MSYYHHHHHHDYDIPTTENLYFQGAMGSMASNNTASIAQARKLVEQLKMEANIDRIKVSKAAADLMAYCEAHAKEDPLLT
PVPASENPFREKKFFSAIL
;
G
4 'polypeptide(L)'
;MKTIIALSYIFCLVFADYKDDDDKENLYFQGMTVAAPNASLANLTEEAQADDESWESVLKLVLKTLALVTIISSAVFGNL
LVVTSVIRHHKLRITTNYFIVSLALADTLVALFAMTFNASVTISGRWLFNQTVCDFWNSCDVLFSTASIMHLCCISVDRY
YAIIKPLEYPTKITGRTVAIMLTCAWVSSGLISFIPIFLGWYTTNEHLVYKVEHPDECIFVVNKPYAIISSSVSFWIPCC
IMLFTYWRIYVEATRQEKMLCKSQMGPGMLCRNSTDQSMPNVHAPPHRNSHGDDPESGQSTPTKRTINKMKREHKAAKTL
GIIMGAFILCWLPFFLWYVSITMCGDACPCPELVVDLLFWIGYLNSSLNPVIYAYFNREFRQAFKETLQAIFCSSRCSSC
ATGSRQTGGRPPGRTHHHHHHHHHH
;
R
5 'polypeptide(L)'
;MKDHLIHNHHKHEHAHAEHLYFQGSSGSSGDVQLVESGGGLVQPGGSRKLSCSASGFAFSSFGMHWVRQAPEKGLEWVAY
ISSGSGTIYYADTVKGRFTISRDDPKNTLFLQMTSLRSEDTAMYYCVRSIYYYGSSPFDFWGQGTTLTVSSGGGGSGGGG
SGGGGSDIVMTQATSSVPVTPGESVSISCRSSKSLLHSNGNTYLYWFLQRPGQSPQLLIYRMSNLASGVPDRFSGSGSGT
AFTLTISRLEAEDVGVYYCMQHLEYPLTFGAGTKLELKSAWSHPQFEKGGGSGGGSGGSAWSHPQFEK
;
S
#
loop_
_chem_comp.id
_chem_comp.type
_chem_comp.name
_chem_comp.formula
OTR non-polymer 4-(2R-AMINO-1-HYDROXYETHYL)PHENOL 'C8 H11 N O2'
#
# COMPACT_ATOMS: atom_id res chain seq x y z
N SER A 36 -11.87 -17.18 16.61
CA SER A 36 -11.40 -15.96 15.96
C SER A 36 -10.32 -15.29 16.79
N ALA A 37 -9.85 -15.99 17.82
CA ALA A 37 -8.81 -15.43 18.69
C ALA A 37 -7.52 -15.18 17.91
N GLU A 38 -7.05 -16.19 17.17
CA GLU A 38 -5.87 -16.02 16.35
C GLU A 38 -6.11 -14.98 15.25
N ASP A 39 -7.33 -14.91 14.73
CA ASP A 39 -7.66 -13.87 13.76
C ASP A 39 -7.55 -12.48 14.40
N LYS A 40 -8.04 -12.34 15.64
CA LYS A 40 -7.92 -11.06 16.34
C LYS A 40 -6.47 -10.69 16.56
N ALA A 41 -5.64 -11.65 16.96
CA ALA A 41 -4.23 -11.36 17.18
C ALA A 41 -3.53 -11.00 15.87
N ALA A 42 -3.87 -11.67 14.78
CA ALA A 42 -3.31 -11.32 13.47
C ALA A 42 -3.73 -9.91 13.06
N VAL A 43 -4.98 -9.54 13.33
CA VAL A 43 -5.42 -8.18 13.05
C VAL A 43 -4.63 -7.17 13.87
N GLU A 44 -4.38 -7.49 15.15
CA GLU A 44 -3.59 -6.59 15.99
C GLU A 44 -2.16 -6.43 15.47
N ARG A 45 -1.55 -7.54 15.03
CA ARG A 45 -0.21 -7.46 14.47
C ARG A 45 -0.19 -6.65 13.18
N SER A 46 -1.23 -6.80 12.35
CA SER A 46 -1.33 -5.99 11.14
C SER A 46 -1.48 -4.51 11.49
N LYS A 47 -2.23 -4.21 12.56
CA LYS A 47 -2.36 -2.82 13.00
C LYS A 47 -1.03 -2.26 13.47
N MET A 48 -0.24 -3.07 14.16
CA MET A 48 1.10 -2.63 14.56
C MET A 48 1.98 -2.35 13.35
N ILE A 49 1.93 -3.24 12.35
CA ILE A 49 2.70 -3.05 11.13
C ILE A 49 2.24 -1.78 10.41
N GLU A 50 0.93 -1.51 10.43
CA GLU A 50 0.39 -0.30 9.82
C GLU A 50 0.84 0.95 10.58
N LYS A 51 0.95 0.86 11.90
CA LYS A 51 1.50 1.98 12.68
C LYS A 51 2.94 2.28 12.28
N GLN A 52 3.75 1.21 12.14
CA GLN A 52 5.12 1.40 11.68
C GLN A 52 5.15 1.99 10.27
N ILE A 53 4.22 1.57 9.41
CA ILE A 53 4.14 2.10 8.06
C ILE A 53 3.78 3.58 8.09
N GLN A 54 2.88 3.98 9.00
CA GLN A 54 2.54 5.39 9.15
C GLN A 54 3.74 6.21 9.59
N LYS A 55 4.51 5.70 10.55
CA LYS A 55 5.72 6.40 10.96
C LYS A 55 6.71 6.54 9.82
N ASP A 56 6.90 5.45 9.05
CA ASP A 56 7.81 5.51 7.91
C ASP A 56 7.28 6.45 6.83
N LYS A 57 5.96 6.59 6.70
CA LYS A 57 5.40 7.56 5.77
C LYS A 57 5.67 8.97 6.22
N GLN A 58 5.54 9.24 7.51
CA GLN A 58 5.90 10.55 8.04
C GLN A 58 7.37 10.87 7.77
N ILE A 59 8.23 9.87 7.90
CA ILE A 59 9.65 10.07 7.58
C ILE A 59 9.84 10.30 6.08
N TYR A 60 9.15 9.53 5.25
CA TYR A 60 9.38 9.53 3.82
C TYR A 60 8.90 10.82 3.16
N ARG A 61 7.77 11.37 3.64
CA ARG A 61 7.22 12.57 3.03
C ARG A 61 8.11 13.79 3.24
N ALA A 62 9.04 13.73 4.18
CA ALA A 62 9.94 14.85 4.50
C ALA A 62 11.36 14.58 3.99
N THR A 63 11.47 13.93 2.83
CA THR A 63 12.77 13.59 2.26
C THR A 63 13.15 14.45 1.07
N HIS A 64 12.22 14.71 0.16
CA HIS A 64 12.45 15.56 -1.01
C HIS A 64 13.64 15.05 -1.83
N ARG A 65 13.45 13.85 -2.37
CA ARG A 65 14.53 13.14 -3.05
C ARG A 65 14.94 13.86 -4.33
N LEU A 66 16.14 13.54 -4.80
CA LEU A 66 16.72 14.13 -5.99
C LEU A 66 17.33 13.04 -6.86
N LEU A 67 17.46 13.33 -8.14
CA LEU A 67 18.11 12.42 -9.08
C LEU A 67 19.38 13.07 -9.61
N LEU A 68 20.40 12.26 -9.85
CA LEU A 68 21.62 12.72 -10.50
C LEU A 68 21.73 12.10 -11.89
N LEU A 69 22.21 12.88 -12.85
CA LEU A 69 22.31 12.46 -14.23
C LEU A 69 23.63 12.94 -14.81
N GLY A 70 24.24 12.12 -15.65
CA GLY A 70 25.50 12.46 -16.28
C GLY A 70 26.69 11.72 -15.67
N GLY A 75 34.60 16.64 -10.04
CA GLY A 75 33.37 16.91 -10.75
C GLY A 75 32.14 16.67 -9.90
N LYS A 76 31.24 15.80 -10.40
CA LYS A 76 30.03 15.48 -9.65
C LYS A 76 30.35 14.77 -8.34
N ASN A 77 31.47 14.03 -8.30
CA ASN A 77 31.87 13.37 -7.06
C ASN A 77 32.18 14.38 -5.97
N THR A 78 32.84 15.49 -6.32
CA THR A 78 33.09 16.54 -5.35
C THR A 78 31.79 17.17 -4.86
N ILE A 79 30.83 17.34 -5.76
CA ILE A 79 29.55 17.93 -5.38
C ILE A 79 28.80 17.03 -4.41
N VAL A 80 28.71 15.73 -4.71
CA VAL A 80 27.94 14.84 -3.86
C VAL A 80 28.67 14.60 -2.53
N LYS A 81 29.99 14.44 -2.57
CA LYS A 81 30.75 14.15 -1.35
C LYS A 81 30.70 15.31 -0.37
N GLN A 82 30.86 16.54 -0.87
CA GLN A 82 30.88 17.72 -0.01
C GLN A 82 29.46 18.19 0.30
N SER A 213 26.27 1.41 -12.85
CA SER A 213 27.04 0.49 -12.02
C SER A 213 26.48 0.44 -10.60
N GLY A 214 27.19 1.03 -9.65
CA GLY A 214 26.80 1.06 -8.27
C GLY A 214 26.20 2.41 -7.91
N ILE A 215 24.94 2.39 -7.49
CA ILE A 215 24.23 3.63 -7.14
C ILE A 215 24.67 4.06 -5.75
N PHE A 216 25.15 5.29 -5.63
CA PHE A 216 25.58 5.85 -4.35
C PHE A 216 24.48 6.72 -3.75
N GLU A 217 23.36 6.09 -3.42
CA GLU A 217 22.26 6.80 -2.78
C GLU A 217 22.70 7.32 -1.43
N THR A 218 22.47 8.61 -1.18
CA THR A 218 22.96 9.27 0.02
C THR A 218 21.86 10.10 0.66
N LYS A 219 21.96 10.26 1.98
CA LYS A 219 21.08 11.12 2.75
C LYS A 219 21.90 12.28 3.31
N PHE A 220 21.47 13.51 3.03
CA PHE A 220 22.13 14.67 3.61
C PHE A 220 21.11 15.72 4.02
N GLN A 221 21.35 16.33 5.17
CA GLN A 221 20.42 17.28 5.77
C GLN A 221 21.08 18.65 5.86
N VAL A 222 20.38 19.66 5.35
CA VAL A 222 20.85 21.05 5.39
C VAL A 222 19.71 21.93 5.88
N ASP A 223 20.00 22.80 6.84
CA ASP A 223 19.01 23.73 7.41
C ASP A 223 17.79 22.98 7.93
N LYS A 224 18.03 21.85 8.59
CA LYS A 224 16.98 20.99 9.14
C LYS A 224 16.01 20.50 8.06
N VAL A 225 16.50 20.38 6.83
CA VAL A 225 15.73 19.85 5.72
C VAL A 225 16.48 18.66 5.14
N ASN A 226 15.79 17.53 5.00
CA ASN A 226 16.43 16.31 4.51
C ASN A 226 16.47 16.33 2.98
N PHE A 227 17.41 15.54 2.43
CA PHE A 227 17.53 15.40 0.99
C PHE A 227 18.11 14.03 0.68
N HIS A 228 17.58 13.41 -0.39
CA HIS A 228 17.93 12.06 -0.81
C HIS A 228 18.51 12.15 -2.21
N MET A 229 19.80 11.88 -2.33
CA MET A 229 20.50 11.95 -3.62
C MET A 229 20.64 10.55 -4.21
N PHE A 230 20.36 10.44 -5.51
CA PHE A 230 20.35 9.17 -6.23
C PHE A 230 21.48 9.21 -7.26
N ASP A 231 22.68 8.83 -6.84
CA ASP A 231 23.83 8.84 -7.74
C ASP A 231 23.71 7.74 -8.78
N VAL A 232 23.95 8.10 -10.04
CA VAL A 232 23.88 7.14 -11.15
C VAL A 232 24.99 7.42 -12.14
N ASP A 237 27.44 3.87 -20.60
CA ASP A 237 26.14 4.52 -20.45
C ASP A 237 25.19 4.09 -21.56
N GLU A 238 24.27 3.19 -21.24
CA GLU A 238 23.31 2.66 -22.19
C GLU A 238 21.89 3.00 -21.73
N ARG A 239 21.12 3.64 -22.60
CA ARG A 239 19.80 4.14 -22.23
C ARG A 239 18.81 2.99 -22.09
N ARG A 240 18.08 2.97 -20.98
CA ARG A 240 17.13 1.91 -20.67
C ARG A 240 15.84 2.54 -20.16
N LYS A 241 14.87 1.69 -19.81
CA LYS A 241 13.54 2.15 -19.44
C LYS A 241 13.39 2.51 -17.97
N TRP A 242 14.39 2.24 -17.12
CA TRP A 242 14.23 2.50 -15.70
C TRP A 242 14.20 3.99 -15.37
N ILE A 243 14.51 4.86 -16.34
CA ILE A 243 14.35 6.30 -16.14
C ILE A 243 12.88 6.64 -15.95
N GLN A 244 11.98 5.91 -16.63
CA GLN A 244 10.55 6.18 -16.53
C GLN A 244 10.06 6.04 -15.09
N CYS A 245 10.57 5.05 -14.36
CA CYS A 245 10.11 4.81 -13.00
C CYS A 245 10.49 5.91 -12.02
N PHE A 246 11.37 6.83 -12.42
CA PHE A 246 11.78 7.93 -11.55
C PHE A 246 10.83 9.13 -11.70
N ASN A 247 9.54 8.86 -11.54
CA ASN A 247 8.51 9.85 -11.87
C ASN A 247 8.38 10.93 -10.80
N ASP A 248 8.57 10.58 -9.52
CA ASP A 248 8.26 11.48 -8.42
C ASP A 248 9.52 12.13 -7.82
N VAL A 249 10.50 12.43 -8.65
CA VAL A 249 11.71 13.12 -8.18
C VAL A 249 11.45 14.62 -8.16
N THR A 250 11.90 15.28 -7.09
CA THR A 250 11.74 16.73 -7.00
C THR A 250 12.52 17.44 -8.09
N ALA A 251 13.77 17.03 -8.33
CA ALA A 251 14.58 17.63 -9.36
C ALA A 251 15.62 16.63 -9.85
N ILE A 252 16.06 16.84 -11.09
CA ILE A 252 17.09 16.01 -11.73
C ILE A 252 18.27 16.92 -12.01
N ILE A 253 19.40 16.67 -11.34
CA ILE A 253 20.61 17.45 -11.50
C ILE A 253 21.44 16.81 -12.60
N PHE A 254 21.54 17.48 -13.75
CA PHE A 254 22.32 17.00 -14.88
C PHE A 254 23.68 17.68 -14.83
N VAL A 255 24.71 16.90 -14.53
CA VAL A 255 26.07 17.40 -14.44
C VAL A 255 26.76 17.17 -15.78
N THR A 256 27.69 18.07 -16.13
CA THR A 256 28.38 17.98 -17.42
C THR A 256 29.72 18.68 -17.28
N ALA A 257 30.81 17.91 -17.36
CA ALA A 257 32.16 18.47 -17.38
C ALA A 257 32.53 18.71 -18.84
N CYS A 258 32.28 19.92 -19.31
CA CYS A 258 32.46 20.26 -20.73
C CYS A 258 33.93 20.57 -21.01
N SER A 259 34.78 19.56 -20.87
CA SER A 259 36.20 19.69 -21.14
C SER A 259 36.52 19.58 -22.62
N SER A 260 35.54 19.22 -23.46
CA SER A 260 35.77 19.09 -24.90
C SER A 260 35.31 20.34 -25.65
N ASN A 272 31.71 16.51 -29.42
CA ASN A 272 31.62 15.05 -29.46
C ASN A 272 30.85 14.50 -28.26
N ARG A 273 31.52 14.38 -27.12
CA ARG A 273 30.86 13.94 -25.91
C ARG A 273 29.82 14.96 -25.44
N LEU A 274 30.07 16.25 -25.68
CA LEU A 274 29.08 17.27 -25.37
C LEU A 274 27.81 17.06 -26.19
N ARG A 275 27.97 16.69 -27.47
CA ARG A 275 26.80 16.38 -28.28
C ARG A 275 26.08 15.14 -27.77
N ALA A 276 26.82 14.17 -27.21
CA ALA A 276 26.17 13.03 -26.56
C ALA A 276 25.37 13.47 -25.34
N SER A 277 25.90 14.42 -24.57
CA SER A 277 25.15 14.96 -23.45
C SER A 277 23.88 15.68 -23.93
N LEU A 278 23.99 16.42 -25.04
CA LEU A 278 22.81 17.06 -25.61
C LEU A 278 21.78 16.03 -26.07
N LYS A 279 22.25 14.92 -26.64
CA LYS A 279 21.35 13.85 -27.04
C LYS A 279 20.65 13.25 -25.83
N LEU A 280 21.39 13.07 -24.73
CA LEU A 280 20.76 12.59 -23.49
C LEU A 280 19.73 13.59 -22.97
N PHE A 281 20.03 14.88 -23.07
CA PHE A 281 19.06 15.91 -22.71
C PHE A 281 17.80 15.79 -23.54
N ASP A 282 17.95 15.60 -24.85
CA ASP A 282 16.80 15.46 -25.73
C ASP A 282 16.00 14.21 -25.39
N SER A 283 16.69 13.11 -25.08
CA SER A 283 15.99 11.89 -24.67
C SER A 283 15.21 12.11 -23.39
N ILE A 284 15.80 12.83 -22.43
CA ILE A 284 15.10 13.14 -21.18
C ILE A 284 13.85 13.98 -21.47
N TRP A 285 13.99 14.99 -22.33
CA TRP A 285 12.85 15.83 -22.67
C TRP A 285 11.75 15.04 -23.37
N ASN A 286 12.13 14.13 -24.28
CA ASN A 286 11.16 13.37 -25.06
C ASN A 286 10.73 12.07 -24.39
N ASN A 287 11.19 11.81 -23.16
CA ASN A 287 10.84 10.56 -22.48
C ASN A 287 9.34 10.44 -22.26
N LYS A 288 8.63 11.58 -22.18
CA LYS A 288 7.17 11.65 -22.12
C LYS A 288 6.66 11.20 -20.75
N TRP A 289 7.56 10.68 -19.90
CA TRP A 289 7.22 10.36 -18.52
C TRP A 289 8.03 11.15 -17.51
N LEU A 290 9.10 11.81 -17.93
CA LEU A 290 9.83 12.73 -17.08
C LEU A 290 9.26 14.14 -17.13
N ARG A 291 8.17 14.34 -17.87
CA ARG A 291 7.50 15.64 -17.89
C ARG A 291 6.97 15.98 -16.51
N ASP A 292 6.97 17.28 -16.19
CA ASP A 292 6.57 17.82 -14.90
C ASP A 292 7.56 17.47 -13.79
N THR A 293 8.78 17.09 -14.16
CA THR A 293 9.88 16.87 -13.22
C THR A 293 11.02 17.78 -13.64
N SER A 294 11.25 18.83 -12.85
CA SER A 294 12.21 19.87 -13.23
C SER A 294 13.63 19.32 -13.27
N VAL A 295 14.42 19.87 -14.20
CA VAL A 295 15.81 19.48 -14.39
C VAL A 295 16.68 20.71 -14.15
N ILE A 296 17.61 20.59 -13.23
CA ILE A 296 18.66 21.58 -13.03
C ILE A 296 19.86 21.16 -13.87
N LEU A 297 20.54 22.12 -14.46
CA LEU A 297 21.71 21.87 -15.29
C LEU A 297 22.91 22.51 -14.61
N PHE A 298 24.00 21.76 -14.47
CA PHE A 298 25.20 22.26 -13.81
C PHE A 298 26.34 22.31 -14.82
N LEU A 299 27.03 23.45 -14.87
CA LEU A 299 28.26 23.58 -15.64
C LEU A 299 29.41 23.69 -14.63
N ASN A 300 29.92 22.54 -14.23
CA ASN A 300 30.95 22.45 -13.20
C ASN A 300 32.33 22.28 -13.84
N LYS A 301 33.34 22.04 -13.00
CA LYS A 301 34.73 21.86 -13.44
C LYS A 301 35.21 23.08 -14.22
N GLN A 302 34.93 24.26 -13.69
CA GLN A 302 35.39 25.49 -14.31
C GLN A 302 36.92 25.59 -14.28
N ASP A 303 37.56 24.99 -13.29
CA ASP A 303 39.01 24.98 -13.24
C ASP A 303 39.59 24.22 -14.42
N LEU A 304 38.98 23.09 -14.79
CA LEU A 304 39.44 22.34 -15.95
C LEU A 304 39.31 23.17 -17.23
N LEU A 305 38.20 23.90 -17.36
CA LEU A 305 38.02 24.77 -18.53
C LEU A 305 39.07 25.88 -18.54
N ALA A 306 39.36 26.46 -17.37
CA ALA A 306 40.35 27.53 -17.30
C ALA A 306 41.75 27.02 -17.68
N GLU A 307 42.13 25.84 -17.19
CA GLU A 307 43.41 25.27 -17.56
C GLU A 307 43.45 24.90 -19.04
N LYS A 308 42.32 24.41 -19.57
CA LYS A 308 42.25 24.12 -21.01
C LYS A 308 42.40 25.40 -21.82
N ILE A 309 41.79 26.49 -21.36
CA ILE A 309 41.90 27.78 -22.03
C ILE A 309 43.33 28.30 -21.93
N GLU A 341 36.95 37.55 -25.73
CA GLU A 341 37.40 37.10 -24.41
C GLU A 341 37.20 35.59 -24.25
N VAL A 342 38.13 34.96 -23.53
CA VAL A 342 37.99 33.53 -23.26
C VAL A 342 36.79 33.26 -22.36
N ILE A 343 36.54 34.15 -21.39
CA ILE A 343 35.30 34.07 -20.61
C ILE A 343 34.10 34.25 -21.53
N ARG A 344 34.22 35.15 -22.51
CA ARG A 344 33.15 35.30 -23.50
C ARG A 344 32.98 34.03 -24.32
N ALA A 345 34.09 33.35 -24.65
CA ALA A 345 33.98 32.10 -25.39
C ALA A 345 33.27 31.02 -24.58
N LYS A 346 33.60 30.91 -23.30
CA LYS A 346 32.93 29.92 -22.46
C LYS A 346 31.46 30.28 -22.25
N TYR A 347 31.16 31.59 -22.16
CA TYR A 347 29.76 32.00 -22.12
C TYR A 347 29.04 31.67 -23.43
N PHE A 348 29.75 31.76 -24.56
CA PHE A 348 29.15 31.42 -25.85
C PHE A 348 28.83 29.93 -25.94
N ILE A 349 29.75 29.07 -25.48
CA ILE A 349 29.47 27.64 -25.50
C ILE A 349 28.35 27.31 -24.52
N ARG A 350 28.30 28.01 -23.38
CA ARG A 350 27.18 27.84 -22.45
C ARG A 350 25.86 28.24 -23.12
N ASP A 351 25.86 29.36 -23.84
CA ASP A 351 24.65 29.80 -24.52
C ASP A 351 24.24 28.81 -25.60
N GLU A 352 25.21 28.18 -26.26
CA GLU A 352 24.89 27.08 -27.17
C GLU A 352 24.20 25.95 -26.42
N PHE A 353 24.67 25.64 -25.21
CA PHE A 353 24.04 24.58 -24.43
C PHE A 353 22.60 24.93 -24.08
N LEU A 354 22.34 26.17 -23.65
CA LEU A 354 20.95 26.57 -23.41
C LEU A 354 20.13 26.55 -24.71
N ARG A 355 20.70 27.01 -25.83
CA ARG A 355 19.97 26.98 -27.09
C ARG A 355 19.55 25.55 -27.44
N ILE A 356 20.43 24.58 -27.24
CA ILE A 356 20.05 23.18 -27.41
C ILE A 356 18.99 22.79 -26.39
N SER A 357 19.11 23.31 -25.16
CA SER A 357 18.17 22.96 -24.09
C SER A 357 16.77 23.47 -24.35
N THR A 358 16.60 24.46 -25.24
CA THR A 358 15.26 24.92 -25.58
C THR A 358 14.45 23.81 -26.25
N ALA A 359 15.11 22.90 -26.96
CA ALA A 359 14.44 21.78 -27.59
C ALA A 359 14.12 20.70 -26.57
N HIS A 365 6.87 22.02 -17.02
CA HIS A 365 8.11 22.01 -16.25
C HIS A 365 9.15 22.93 -16.87
N TYR A 366 10.13 23.34 -16.08
CA TYR A 366 11.13 24.30 -16.51
C TYR A 366 12.51 23.85 -16.03
N CYS A 367 13.53 24.18 -16.82
CA CYS A 367 14.90 23.82 -16.49
C CYS A 367 15.60 24.99 -15.81
N TYR A 368 16.56 24.65 -14.95
CA TYR A 368 17.29 25.64 -14.13
C TYR A 368 18.76 25.58 -14.49
N PRO A 369 19.23 26.42 -15.40
CA PRO A 369 20.67 26.45 -15.71
C PRO A 369 21.47 27.00 -14.54
N HIS A 370 22.72 26.54 -14.44
CA HIS A 370 23.60 27.00 -13.37
C HIS A 370 25.04 26.97 -13.82
N PHE A 371 25.72 28.10 -13.64
CA PHE A 371 27.12 28.29 -14.00
C PHE A 371 27.75 29.20 -12.96
N THR A 372 28.93 28.84 -12.48
CA THR A 372 29.63 29.63 -11.48
C THR A 372 30.25 30.88 -12.10
N GLU A 378 29.03 25.44 -2.10
CA GLU A 378 28.22 26.53 -2.63
C GLU A 378 27.13 26.01 -3.56
N ASN A 379 27.39 24.87 -4.19
CA ASN A 379 26.40 24.26 -5.09
C ASN A 379 25.21 23.72 -4.31
N ILE A 380 25.43 23.28 -3.07
CA ILE A 380 24.33 22.79 -2.23
C ILE A 380 23.33 23.91 -1.97
N ARG A 381 23.82 25.14 -1.79
CA ARG A 381 22.91 26.28 -1.63
C ARG A 381 22.11 26.50 -2.92
N ARG A 382 22.76 26.35 -4.08
CA ARG A 382 22.05 26.49 -5.35
C ARG A 382 20.93 25.47 -5.47
N VAL A 383 21.22 24.21 -5.14
CA VAL A 383 20.19 23.18 -5.25
C VAL A 383 19.10 23.40 -4.19
N PHE A 384 19.47 23.94 -3.03
CA PHE A 384 18.47 24.29 -2.02
C PHE A 384 17.48 25.32 -2.57
N ASN A 385 18.01 26.41 -3.11
CA ASN A 385 17.15 27.46 -3.65
C ASN A 385 16.32 26.96 -4.82
N ASP A 386 16.92 26.14 -5.70
CA ASP A 386 16.19 25.66 -6.86
C ASP A 386 15.09 24.69 -6.46
N CYS A 387 15.35 23.81 -5.49
CA CYS A 387 14.31 22.91 -5.00
C CYS A 387 13.19 23.69 -4.35
N ARG A 388 13.52 24.72 -3.57
CA ARG A 388 12.49 25.56 -2.98
C ARG A 388 11.62 26.20 -4.06
N ASP A 389 12.26 26.73 -5.11
CA ASP A 389 11.50 27.34 -6.20
C ASP A 389 10.63 26.33 -6.92
N ILE A 390 11.15 25.13 -7.16
CA ILE A 390 10.39 24.10 -7.87
C ILE A 390 9.15 23.71 -7.06
N ILE A 391 9.32 23.47 -5.76
CA ILE A 391 8.20 23.07 -4.94
C ILE A 391 7.19 24.21 -4.81
N GLN A 392 7.69 25.44 -4.70
CA GLN A 392 6.79 26.59 -4.64
C GLN A 392 5.95 26.71 -5.90
N ARG A 393 6.58 26.56 -7.07
CA ARG A 393 5.84 26.64 -8.33
C ARG A 393 4.85 25.49 -8.45
N MET A 394 5.24 24.28 -8.02
CA MET A 394 4.32 23.15 -8.09
C MET A 394 3.08 23.38 -7.22
N HIS A 395 3.30 23.84 -5.98
CA HIS A 395 2.18 24.07 -5.09
C HIS A 395 1.32 25.25 -5.55
N LEU A 396 1.94 26.26 -6.16
CA LEU A 396 1.16 27.34 -6.75
C LEU A 396 0.32 26.85 -7.93
N ARG A 397 0.89 25.96 -8.73
CA ARG A 397 0.13 25.35 -9.84
C ARG A 397 -1.05 24.57 -9.32
N GLN A 398 -0.87 23.83 -8.21
CA GLN A 398 -1.94 22.99 -7.69
C GLN A 398 -3.16 23.82 -7.31
N TYR A 399 -2.94 25.02 -6.79
CA TYR A 399 -4.04 25.88 -6.32
C TYR A 399 -4.44 26.93 -7.35
N GLU A 400 -3.92 26.85 -8.58
CA GLU A 400 -4.26 27.77 -9.66
C GLU A 400 -3.90 29.21 -9.31
N LEU A 401 -2.60 29.45 -9.12
CA LEU A 401 -2.09 30.79 -8.88
C LEU A 401 -1.02 31.18 -9.90
N LEU A 402 -0.91 30.45 -11.00
CA LEU A 402 0.02 30.81 -12.07
C LEU A 402 -0.40 30.17 -13.39
N GLU B 30 24.26 -14.92 -45.39
CA GLU B 30 22.93 -14.32 -45.48
C GLU B 30 21.96 -15.24 -46.20
N GLN B 31 22.51 -16.26 -46.89
CA GLN B 31 21.67 -17.23 -47.58
C GLN B 31 21.02 -18.21 -46.62
N LEU B 32 21.70 -18.55 -45.52
CA LEU B 32 21.16 -19.50 -44.55
C LEU B 32 19.88 -18.96 -43.92
N LYS B 33 19.88 -17.69 -43.51
CA LYS B 33 18.67 -17.10 -42.96
C LYS B 33 17.58 -16.98 -44.01
N ASN B 34 17.96 -16.75 -45.27
CA ASN B 34 16.96 -16.67 -46.34
C ASN B 34 16.25 -18.02 -46.52
N GLN B 35 17.02 -19.11 -46.59
CA GLN B 35 16.38 -20.41 -46.74
C GLN B 35 15.63 -20.82 -45.48
N ILE B 36 16.10 -20.40 -44.30
CA ILE B 36 15.37 -20.69 -43.07
C ILE B 36 14.01 -20.01 -43.09
N ARG B 37 13.98 -18.74 -43.48
CA ARG B 37 12.71 -18.02 -43.52
C ARG B 37 11.80 -18.56 -44.63
N ASP B 38 12.39 -19.00 -45.75
CA ASP B 38 11.57 -19.61 -46.80
C ASP B 38 10.95 -20.91 -46.32
N ALA B 39 11.71 -21.75 -45.62
CA ALA B 39 11.16 -22.98 -45.07
C ALA B 39 10.09 -22.70 -44.02
N ARG B 40 10.32 -21.69 -43.18
CA ARG B 40 9.32 -21.32 -42.17
C ARG B 40 8.03 -20.85 -42.81
N LYS B 41 8.13 -20.02 -43.86
CA LYS B 41 6.93 -19.54 -44.54
C LYS B 41 6.26 -20.62 -45.38
N ALA B 42 7.01 -21.65 -45.78
CA ALA B 42 6.44 -22.75 -46.56
C ALA B 42 5.73 -23.78 -45.69
N CYS B 43 5.90 -23.73 -44.37
CA CYS B 43 5.28 -24.68 -43.47
C CYS B 43 3.97 -24.18 -42.88
N ALA B 44 3.48 -23.04 -43.34
CA ALA B 44 2.20 -22.49 -42.89
C ALA B 44 1.17 -22.63 -44.00
N ASP B 45 0.06 -23.28 -43.70
CA ASP B 45 -1.01 -23.52 -44.67
C ASP B 45 -2.16 -22.54 -44.49
N ALA B 46 -2.75 -22.48 -43.30
CA ALA B 46 -3.88 -21.61 -43.04
C ALA B 46 -3.85 -21.16 -41.58
N THR B 47 -4.54 -20.07 -41.31
CA THR B 47 -4.59 -19.49 -39.98
C THR B 47 -5.77 -20.06 -39.19
N LEU B 48 -5.76 -19.80 -37.89
CA LEU B 48 -6.83 -20.22 -37.00
C LEU B 48 -7.99 -19.24 -36.94
N SER B 49 -7.86 -18.07 -37.57
CA SER B 49 -8.95 -17.10 -37.57
C SER B 49 -10.17 -17.65 -38.27
N GLN B 50 -9.97 -18.35 -39.40
CA GLN B 50 -11.10 -18.94 -40.12
C GLN B 50 -11.76 -20.03 -39.30
N ILE B 51 -10.97 -20.83 -38.58
CA ILE B 51 -11.52 -21.94 -37.79
C ILE B 51 -12.08 -21.51 -36.45
N THR B 52 -11.92 -20.23 -36.09
CA THR B 52 -12.39 -19.73 -34.80
C THR B 52 -13.70 -18.95 -34.91
N ASN B 53 -13.99 -18.36 -36.07
CA ASN B 53 -15.19 -17.55 -36.23
C ASN B 53 -16.47 -18.34 -36.04
N ASN B 54 -16.40 -19.67 -36.13
CA ASN B 54 -17.58 -20.53 -36.00
C ASN B 54 -17.80 -21.03 -34.57
N ILE B 55 -17.02 -20.55 -33.60
CA ILE B 55 -17.12 -21.02 -32.23
C ILE B 55 -17.90 -20.01 -31.41
N ASP B 56 -18.51 -20.50 -30.33
CA ASP B 56 -19.31 -19.65 -29.46
C ASP B 56 -18.42 -18.69 -28.68
N PRO B 57 -18.77 -17.39 -28.60
CA PRO B 57 -17.98 -16.47 -27.79
C PRO B 57 -18.42 -16.33 -26.34
N VAL B 58 -17.76 -15.40 -25.62
CA VAL B 58 -17.96 -15.30 -24.18
C VAL B 58 -18.93 -14.18 -23.79
N GLY B 59 -19.23 -13.27 -24.69
CA GLY B 59 -20.18 -12.18 -24.39
C GLY B 59 -19.50 -11.02 -23.66
N ARG B 60 -19.74 -10.92 -22.36
CA ARG B 60 -19.20 -9.86 -21.54
C ARG B 60 -18.95 -10.37 -20.13
N ILE B 61 -17.88 -9.89 -19.51
CA ILE B 61 -17.54 -10.21 -18.12
C ILE B 61 -17.45 -8.91 -17.35
N GLN B 62 -18.15 -8.84 -16.22
CA GLN B 62 -18.15 -7.63 -15.41
C GLN B 62 -16.81 -7.45 -14.71
N MET B 63 -16.41 -8.43 -13.90
CA MET B 63 -15.12 -8.43 -13.20
C MET B 63 -14.98 -7.18 -12.33
N ARG B 64 -15.88 -7.07 -11.35
CA ARG B 64 -15.89 -5.94 -10.42
C ARG B 64 -14.93 -6.19 -9.27
N THR B 65 -14.36 -5.11 -8.74
CA THR B 65 -13.43 -5.22 -7.62
C THR B 65 -14.10 -5.93 -6.44
N ARG B 66 -13.42 -6.96 -5.92
CA ARG B 66 -13.88 -7.66 -4.74
C ARG B 66 -13.03 -7.40 -3.51
N ARG B 67 -11.81 -6.89 -3.68
CA ARG B 67 -11.00 -6.50 -2.53
C ARG B 67 -9.97 -5.47 -2.97
N THR B 68 -9.52 -4.67 -2.01
CA THR B 68 -8.48 -3.69 -2.25
C THR B 68 -7.44 -3.78 -1.14
N LEU B 69 -6.20 -3.44 -1.49
CA LEU B 69 -5.06 -3.52 -0.59
C LEU B 69 -4.34 -2.17 -0.60
N ARG B 70 -4.30 -1.53 0.56
CA ARG B 70 -3.63 -0.26 0.76
C ARG B 70 -2.66 -0.37 1.93
N GLY B 71 -1.63 0.47 1.89
CA GLY B 71 -0.59 0.44 2.91
C GLY B 71 0.77 0.74 2.30
N HIS B 72 0.84 0.72 0.98
CA HIS B 72 2.04 1.14 0.29
C HIS B 72 2.12 2.67 0.27
N LEU B 73 3.33 3.18 0.03
CA LEU B 73 3.58 4.60 0.00
C LEU B 73 4.12 5.09 -1.34
N ALA B 74 4.42 4.21 -2.26
CA ALA B 74 4.90 4.58 -3.58
C ALA B 74 4.25 3.64 -4.59
N LYS B 75 4.74 3.66 -5.83
CA LYS B 75 4.15 2.89 -6.91
C LYS B 75 4.59 1.43 -6.81
N ILE B 76 3.61 0.52 -6.74
CA ILE B 76 3.93 -0.90 -6.81
C ILE B 76 4.52 -1.21 -8.18
N TYR B 77 5.60 -1.99 -8.19
CA TYR B 77 6.27 -2.33 -9.43
C TYR B 77 5.96 -3.73 -9.94
N ALA B 78 5.66 -4.67 -9.05
CA ALA B 78 5.32 -6.04 -9.44
C ALA B 78 4.71 -6.74 -8.24
N MET B 79 4.12 -7.91 -8.50
CA MET B 79 3.59 -8.77 -7.45
C MET B 79 3.38 -10.17 -8.03
N HIS B 80 3.39 -11.16 -7.15
CA HIS B 80 3.33 -12.55 -7.57
C HIS B 80 2.63 -13.37 -6.49
N TRP B 81 1.52 -14.02 -6.86
CA TRP B 81 0.80 -14.86 -5.91
C TRP B 81 1.62 -16.09 -5.53
N GLY B 82 1.39 -16.56 -4.31
CA GLY B 82 1.96 -17.82 -3.90
C GLY B 82 1.22 -19.01 -4.49
N THR B 83 1.76 -20.20 -4.27
CA THR B 83 1.15 -21.40 -4.81
C THR B 83 -0.18 -21.74 -4.12
N ASP B 84 -0.45 -21.13 -2.97
CA ASP B 84 -1.70 -21.34 -2.26
C ASP B 84 -2.80 -20.38 -2.68
N SER B 85 -2.49 -19.44 -3.58
CA SER B 85 -3.45 -18.48 -4.13
C SER B 85 -4.12 -17.62 -3.05
N ARG B 86 -3.51 -17.53 -1.87
CA ARG B 86 -4.02 -16.68 -0.81
C ARG B 86 -3.06 -15.56 -0.45
N LEU B 87 -1.80 -15.89 -0.17
CA LEU B 87 -0.81 -14.86 0.14
C LEU B 87 -0.24 -14.26 -1.14
N LEU B 88 0.12 -12.98 -1.06
CA LEU B 88 0.78 -12.32 -2.17
C LEU B 88 1.86 -11.39 -1.62
N VAL B 89 2.83 -11.07 -2.48
CA VAL B 89 3.95 -10.21 -2.10
C VAL B 89 4.06 -9.09 -3.13
N SER B 90 4.22 -7.86 -2.64
CA SER B 90 4.30 -6.69 -3.53
C SER B 90 5.42 -5.76 -3.06
N ALA B 91 6.20 -5.27 -4.02
CA ALA B 91 7.26 -4.31 -3.77
C ALA B 91 6.98 -3.02 -4.52
N SER B 92 7.48 -1.92 -3.97
CA SER B 92 7.23 -0.60 -4.54
C SER B 92 8.48 0.26 -4.41
N GLN B 93 8.40 1.49 -4.90
CA GLN B 93 9.49 2.46 -4.80
C GLN B 93 9.74 2.89 -3.37
N ASP B 94 8.82 2.57 -2.45
CA ASP B 94 8.98 2.89 -1.04
C ASP B 94 10.34 2.45 -0.50
N GLY B 95 10.75 1.25 -0.86
CA GLY B 95 11.91 0.62 -0.27
C GLY B 95 11.59 -0.52 0.66
N LYS B 96 10.36 -1.03 0.64
CA LYS B 96 9.96 -2.18 1.45
C LYS B 96 9.00 -3.02 0.64
N LEU B 97 9.16 -4.34 0.70
CA LEU B 97 8.24 -5.26 0.06
C LEU B 97 7.41 -5.97 1.12
N ILE B 98 6.10 -5.98 0.94
CA ILE B 98 5.22 -6.48 1.98
C ILE B 98 4.37 -7.61 1.45
N ILE B 99 4.06 -8.54 2.35
CA ILE B 99 3.34 -9.77 2.03
C ILE B 99 1.97 -9.69 2.70
N TRP B 100 0.93 -9.68 1.89
CA TRP B 100 -0.46 -9.61 2.31
C TRP B 100 -1.08 -11.00 2.35
N ASP B 101 -1.99 -11.19 3.31
CA ASP B 101 -2.97 -12.27 3.26
C ASP B 101 -4.20 -11.69 2.57
N SER B 102 -4.39 -12.06 1.30
CA SER B 102 -5.36 -11.38 0.45
C SER B 102 -6.78 -11.55 0.94
N TYR B 103 -7.09 -12.67 1.62
CA TYR B 103 -8.48 -12.93 2.00
C TYR B 103 -8.99 -11.91 3.01
N THR B 104 -8.12 -11.43 3.90
CA THR B 104 -8.54 -10.54 4.98
C THR B 104 -7.77 -9.23 5.01
N THR B 105 -7.04 -8.89 3.94
CA THR B 105 -6.30 -7.64 3.77
C THR B 105 -5.19 -7.45 4.79
N ASN B 106 -4.96 -8.42 5.68
CA ASN B 106 -3.95 -8.27 6.70
C ASN B 106 -2.55 -8.31 6.10
N LYS B 107 -1.65 -7.53 6.69
CA LYS B 107 -0.24 -7.54 6.29
C LYS B 107 0.45 -8.65 7.07
N VAL B 108 0.70 -9.77 6.39
CA VAL B 108 1.39 -10.89 7.04
C VAL B 108 2.83 -10.50 7.37
N HIS B 109 3.51 -9.84 6.44
CA HIS B 109 4.90 -9.47 6.64
C HIS B 109 5.22 -8.14 5.99
N ALA B 110 6.26 -7.48 6.50
CA ALA B 110 6.82 -6.28 5.90
C ALA B 110 8.33 -6.38 5.93
N ILE B 111 8.97 -6.30 4.77
CA ILE B 111 10.40 -6.48 4.62
C ILE B 111 11.02 -5.14 4.26
N PRO B 112 11.84 -4.55 5.13
CA PRO B 112 12.45 -3.25 4.85
C PRO B 112 13.67 -3.35 3.95
N LEU B 113 13.44 -3.35 2.64
CA LEU B 113 14.51 -3.55 1.67
C LEU B 113 15.63 -2.51 1.85
N ARG B 114 16.87 -2.98 1.72
CA ARG B 114 18.02 -2.11 1.91
C ARG B 114 18.09 -1.05 0.80
N SER B 115 17.84 -1.45 -0.44
CA SER B 115 17.87 -0.54 -1.57
C SER B 115 16.46 -0.20 -1.99
N SER B 116 16.25 1.06 -2.38
CA SER B 116 14.92 1.54 -2.73
C SER B 116 14.51 1.22 -4.16
N TRP B 117 15.38 0.58 -4.95
CA TRP B 117 15.11 0.34 -6.37
C TRP B 117 15.00 -1.16 -6.60
N VAL B 118 13.78 -1.68 -6.47
CA VAL B 118 13.47 -3.07 -6.79
C VAL B 118 12.38 -3.07 -7.84
N MET B 119 12.62 -3.78 -8.94
CA MET B 119 11.74 -3.72 -10.10
C MET B 119 11.05 -5.05 -10.37
N THR B 120 10.99 -5.94 -9.40
CA THR B 120 10.46 -7.28 -9.61
C THR B 120 10.18 -7.91 -8.24
N CYS B 121 9.55 -9.09 -8.28
CA CYS B 121 9.22 -9.84 -7.08
C CYS B 121 9.21 -11.32 -7.43
N ALA B 122 9.00 -12.15 -6.41
CA ALA B 122 8.80 -13.58 -6.60
C ALA B 122 8.23 -14.16 -5.31
N TYR B 123 7.78 -15.41 -5.40
CA TYR B 123 7.28 -16.14 -4.24
C TYR B 123 7.47 -17.61 -4.54
N ALA B 124 8.38 -18.25 -3.81
CA ALA B 124 8.78 -19.61 -4.15
C ALA B 124 7.60 -20.55 -4.07
N PRO B 125 7.50 -21.54 -4.96
CA PRO B 125 6.39 -22.50 -4.88
C PRO B 125 6.32 -23.23 -3.56
N SER B 126 7.46 -23.46 -2.91
CA SER B 126 7.44 -24.03 -1.56
C SER B 126 6.84 -23.06 -0.55
N GLY B 127 6.82 -21.77 -0.84
CA GLY B 127 6.24 -20.79 0.05
C GLY B 127 7.13 -20.28 1.16
N ASN B 128 8.42 -20.60 1.12
CA ASN B 128 9.33 -20.22 2.19
C ASN B 128 10.18 -19.00 1.87
N TYR B 129 10.46 -18.73 0.59
CA TYR B 129 11.41 -17.69 0.20
C TYR B 129 10.75 -16.64 -0.67
N VAL B 130 11.26 -15.42 -0.57
CA VAL B 130 10.88 -14.30 -1.41
C VAL B 130 12.12 -13.82 -2.16
N ALA B 131 11.90 -13.13 -3.27
CA ALA B 131 12.99 -12.65 -4.11
C ALA B 131 12.77 -11.19 -4.48
N CYS B 132 13.88 -10.46 -4.63
CA CYS B 132 13.80 -9.10 -5.12
C CYS B 132 15.07 -8.74 -5.87
N GLY B 133 14.96 -7.71 -6.71
CA GLY B 133 16.09 -7.25 -7.49
C GLY B 133 15.69 -6.05 -8.32
N GLY B 134 16.70 -5.41 -8.91
CA GLY B 134 16.47 -4.24 -9.72
C GLY B 134 17.73 -3.46 -10.04
N LEU B 135 17.67 -2.13 -9.89
CA LEU B 135 18.82 -1.28 -10.17
C LEU B 135 19.99 -1.55 -9.23
N ASP B 136 19.75 -2.23 -8.11
CA ASP B 136 20.83 -2.57 -7.19
C ASP B 136 21.85 -3.51 -7.82
N ASN B 137 21.50 -4.15 -8.94
CA ASN B 137 22.32 -5.10 -9.69
C ASN B 137 22.52 -6.42 -8.95
N ILE B 138 22.00 -6.56 -7.74
CA ILE B 138 22.17 -7.76 -6.92
C ILE B 138 20.79 -8.32 -6.62
N CYS B 139 20.65 -9.63 -6.71
CA CYS B 139 19.40 -10.29 -6.35
C CYS B 139 19.44 -10.67 -4.87
N SER B 140 18.30 -10.53 -4.19
CA SER B 140 18.20 -10.80 -2.77
C SER B 140 17.13 -11.84 -2.53
N ILE B 141 17.46 -12.86 -1.73
CA ILE B 141 16.58 -13.96 -1.40
C ILE B 141 16.33 -13.92 0.10
N TYR B 142 15.06 -13.75 0.48
CA TYR B 142 14.64 -13.60 1.87
C TYR B 142 14.00 -14.90 2.35
N ASN B 143 14.33 -15.28 3.59
CA ASN B 143 13.84 -16.51 4.20
C ASN B 143 12.74 -16.14 5.20
N LEU B 144 11.50 -16.50 4.86
CA LEU B 144 10.37 -16.18 5.74
C LEU B 144 10.33 -17.07 6.97
N LYS B 145 10.55 -18.38 6.81
CA LYS B 145 10.37 -19.33 7.90
C LYS B 145 11.67 -19.50 8.69
N THR B 146 12.04 -18.42 9.38
CA THR B 146 13.23 -18.43 10.22
C THR B 146 12.88 -18.92 11.62
N ARG B 147 13.94 -19.19 12.41
CA ARG B 147 13.72 -19.58 13.80
C ARG B 147 13.06 -18.46 14.59
N GLU B 148 13.48 -17.22 14.36
CA GLU B 148 12.83 -16.06 14.93
C GLU B 148 11.73 -15.55 13.99
N GLY B 149 10.94 -14.60 14.49
CA GLY B 149 9.86 -14.03 13.71
C GLY B 149 10.26 -12.91 12.79
N ASN B 150 11.54 -12.57 12.73
CA ASN B 150 12.04 -11.50 11.86
C ASN B 150 12.76 -12.10 10.66
N VAL B 151 12.34 -11.69 9.47
CA VAL B 151 12.94 -12.19 8.23
C VAL B 151 14.33 -11.59 8.06
N ARG B 152 15.10 -12.16 7.14
CA ARG B 152 16.46 -11.70 6.88
C ARG B 152 16.85 -12.12 5.47
N VAL B 153 17.91 -11.49 4.96
CA VAL B 153 18.42 -11.85 3.64
C VAL B 153 19.06 -13.22 3.72
N SER B 154 18.37 -14.24 3.22
CA SER B 154 18.93 -15.59 3.20
C SER B 154 20.14 -15.66 2.27
N ARG B 155 20.07 -15.00 1.12
CA ARG B 155 21.17 -15.03 0.17
C ARG B 155 21.16 -13.78 -0.69
N GLU B 156 22.20 -12.96 -0.59
CA GLU B 156 22.38 -11.81 -1.46
C GLU B 156 23.38 -12.23 -2.54
N LEU B 157 22.86 -12.63 -3.69
CA LEU B 157 23.67 -13.22 -4.75
C LEU B 157 23.75 -12.30 -5.95
N ALA B 158 24.93 -12.25 -6.56
CA ALA B 158 25.23 -11.35 -7.66
C ALA B 158 25.89 -12.08 -8.82
N GLY B 159 26.42 -11.32 -9.78
CA GLY B 159 27.06 -11.90 -10.94
C GLY B 159 26.49 -11.37 -12.24
N HIS B 160 25.80 -10.24 -12.15
CA HIS B 160 25.13 -9.63 -13.30
C HIS B 160 25.59 -8.20 -13.46
N THR B 161 25.76 -7.76 -14.71
CA THR B 161 26.23 -6.43 -15.02
C THR B 161 25.10 -5.50 -15.50
N GLY B 162 23.85 -5.92 -15.30
CA GLY B 162 22.72 -5.12 -15.73
C GLY B 162 21.55 -5.28 -14.77
N TYR B 163 20.60 -4.36 -14.89
CA TYR B 163 19.45 -4.38 -14.01
C TYR B 163 18.60 -5.62 -14.25
N LEU B 164 18.03 -6.16 -13.19
CA LEU B 164 17.23 -7.38 -13.26
C LEU B 164 15.79 -7.05 -13.63
N SER B 165 15.23 -7.88 -14.52
CA SER B 165 13.86 -7.71 -14.98
C SER B 165 12.90 -8.64 -14.24
N CYS B 166 13.16 -9.94 -14.29
CA CYS B 166 12.36 -10.94 -13.59
C CYS B 166 13.28 -11.93 -12.89
N CYS B 167 12.82 -12.42 -11.73
CA CYS B 167 13.57 -13.35 -10.90
C CYS B 167 12.67 -14.49 -10.46
N ARG B 168 11.98 -15.12 -11.41
CA ARG B 168 11.04 -16.19 -11.09
C ARG B 168 11.77 -17.35 -10.41
N PHE B 169 11.07 -17.98 -9.46
CA PHE B 169 11.64 -19.08 -8.69
C PHE B 169 11.41 -20.39 -9.43
N LEU B 170 12.51 -21.04 -9.83
CA LEU B 170 12.42 -22.34 -10.48
C LEU B 170 12.07 -23.43 -9.48
N ASP B 171 12.72 -23.42 -8.31
CA ASP B 171 12.53 -24.45 -7.31
C ASP B 171 13.00 -23.89 -5.97
N ASP B 172 13.16 -24.78 -4.99
CA ASP B 172 13.54 -24.35 -3.64
C ASP B 172 14.92 -23.71 -3.63
N ASN B 173 15.87 -24.27 -4.36
CA ASN B 173 17.25 -23.79 -4.34
C ASN B 173 17.76 -23.35 -5.71
N GLN B 174 16.89 -23.20 -6.70
CA GLN B 174 17.28 -22.72 -8.01
C GLN B 174 16.37 -21.58 -8.43
N ILE B 175 16.95 -20.52 -8.98
CA ILE B 175 16.19 -19.34 -9.39
C ILE B 175 16.70 -18.85 -10.74
N VAL B 176 15.78 -18.53 -11.64
CA VAL B 176 16.13 -18.05 -12.98
C VAL B 176 15.94 -16.54 -13.00
N THR B 177 16.97 -15.82 -13.43
CA THR B 177 16.95 -14.36 -13.46
C THR B 177 17.27 -13.88 -14.86
N SER B 178 16.76 -12.69 -15.19
CA SER B 178 16.96 -12.06 -16.50
C SER B 178 17.43 -10.64 -16.29
N SER B 179 18.69 -10.37 -16.60
CA SER B 179 19.30 -9.06 -16.41
C SER B 179 19.41 -8.32 -17.74
N GLY B 180 19.67 -7.02 -17.64
CA GLY B 180 19.75 -6.14 -18.79
C GLY B 180 21.03 -6.24 -19.59
N ASP B 181 21.92 -7.17 -19.25
CA ASP B 181 23.18 -7.35 -19.96
C ASP B 181 23.08 -8.31 -21.15
N THR B 182 21.89 -8.44 -21.74
CA THR B 182 21.60 -9.28 -22.89
C THR B 182 21.79 -10.77 -22.60
N THR B 183 21.97 -11.14 -21.33
CA THR B 183 22.11 -12.53 -20.92
C THR B 183 21.22 -12.79 -19.72
N CYS B 184 20.78 -14.02 -19.57
CA CYS B 184 19.97 -14.43 -18.42
C CYS B 184 20.59 -15.67 -17.79
N ALA B 185 20.45 -15.79 -16.47
CA ALA B 185 21.21 -16.78 -15.73
C ALA B 185 20.29 -17.68 -14.91
N LEU B 186 20.83 -18.86 -14.57
CA LEU B 186 20.23 -19.76 -13.60
C LEU B 186 21.16 -19.85 -12.41
N TRP B 187 20.63 -19.61 -11.21
CA TRP B 187 21.42 -19.46 -10.00
C TRP B 187 21.06 -20.56 -9.02
N ASP B 188 22.10 -21.21 -8.48
CA ASP B 188 21.95 -22.14 -7.36
C ASP B 188 21.98 -21.32 -6.07
N ILE B 189 20.93 -21.48 -5.25
CA ILE B 189 20.75 -20.59 -4.10
C ILE B 189 21.87 -20.80 -3.08
N GLU B 190 22.15 -22.06 -2.74
CA GLU B 190 23.11 -22.32 -1.65
C GLU B 190 24.52 -21.96 -2.08
N THR B 191 24.93 -22.41 -3.28
CA THR B 191 26.30 -22.15 -3.74
C THR B 191 26.49 -20.69 -4.09
N GLY B 192 25.57 -20.11 -4.86
CA GLY B 192 25.66 -18.72 -5.24
C GLY B 192 26.05 -18.48 -6.68
N GLN B 193 27.02 -19.25 -7.17
CA GLN B 193 27.45 -19.09 -8.56
C GLN B 193 26.39 -19.60 -9.52
N GLN B 194 26.37 -19.03 -10.72
CA GLN B 194 25.37 -19.37 -11.72
C GLN B 194 25.73 -20.70 -12.37
N THR B 195 24.83 -21.68 -12.24
CA THR B 195 25.06 -22.98 -12.84
C THR B 195 25.07 -22.90 -14.37
N THR B 196 24.16 -22.12 -14.95
CA THR B 196 24.01 -22.06 -16.39
C THR B 196 23.77 -20.61 -16.82
N THR B 197 24.40 -20.22 -17.92
CA THR B 197 24.22 -18.91 -18.51
C THR B 197 23.47 -19.04 -19.83
N PHE B 198 22.90 -17.92 -20.28
CA PHE B 198 22.15 -17.86 -21.52
C PHE B 198 22.51 -16.55 -22.20
N THR B 199 23.31 -16.62 -23.26
CA THR B 199 23.85 -15.43 -23.93
C THR B 199 23.39 -15.32 -25.38
N GLY B 200 22.23 -15.91 -25.71
CA GLY B 200 21.78 -15.93 -27.09
C GLY B 200 21.21 -14.61 -27.60
N HIS B 201 20.83 -13.71 -26.69
CA HIS B 201 20.18 -12.48 -27.11
C HIS B 201 21.19 -11.48 -27.67
N THR B 202 20.66 -10.35 -28.12
CA THR B 202 21.43 -9.17 -28.49
C THR B 202 21.03 -7.93 -27.71
N GLY B 203 19.78 -7.85 -27.25
CA GLY B 203 19.33 -6.76 -26.42
C GLY B 203 18.99 -7.20 -24.99
N ASP B 204 18.56 -6.24 -24.20
CA ASP B 204 18.30 -6.46 -22.78
C ASP B 204 16.92 -7.07 -22.58
N VAL B 205 16.87 -8.24 -21.94
CA VAL B 205 15.60 -8.89 -21.66
C VAL B 205 14.85 -8.10 -20.60
N MET B 206 13.63 -7.68 -20.92
CA MET B 206 12.80 -6.93 -20.00
C MET B 206 11.75 -7.78 -19.29
N SER B 207 11.50 -8.99 -19.75
CA SER B 207 10.43 -9.81 -19.19
C SER B 207 10.76 -11.28 -19.37
N LEU B 208 10.74 -12.03 -18.28
CA LEU B 208 11.03 -13.45 -18.29
C LEU B 208 9.88 -14.21 -17.64
N SER B 209 9.48 -15.31 -18.29
CA SER B 209 8.45 -16.19 -17.76
C SER B 209 8.86 -17.63 -18.02
N LEU B 210 8.44 -18.53 -17.13
CA LEU B 210 8.79 -19.93 -17.22
C LEU B 210 7.52 -20.76 -17.22
N ALA B 211 7.59 -21.90 -17.92
CA ALA B 211 6.43 -22.76 -18.06
C ALA B 211 6.04 -23.37 -16.72
N PRO B 212 4.76 -23.71 -16.54
CA PRO B 212 4.35 -24.38 -15.28
C PRO B 212 5.07 -25.68 -15.04
N ASP B 213 5.45 -26.40 -16.10
CA ASP B 213 6.24 -27.62 -15.94
C ASP B 213 7.67 -27.34 -15.49
N THR B 214 8.08 -26.07 -15.48
CA THR B 214 9.43 -25.65 -15.08
C THR B 214 10.51 -26.44 -15.82
N ARG B 215 10.30 -26.63 -17.12
CA ARG B 215 11.28 -27.24 -18.00
C ARG B 215 11.81 -26.28 -19.06
N LEU B 216 10.99 -25.31 -19.48
CA LEU B 216 11.37 -24.33 -20.49
C LEU B 216 11.02 -22.94 -19.98
N PHE B 217 11.60 -21.93 -20.61
CA PHE B 217 11.25 -20.56 -20.25
C PHE B 217 11.57 -19.61 -21.40
N VAL B 218 10.72 -18.61 -21.59
CA VAL B 218 10.87 -17.68 -22.70
C VAL B 218 11.12 -16.28 -22.16
N SER B 219 11.70 -15.44 -23.01
CA SER B 219 12.05 -14.08 -22.64
C SER B 219 12.05 -13.20 -23.88
N GLY B 220 12.03 -11.89 -23.66
CA GLY B 220 12.03 -10.93 -24.76
C GLY B 220 12.82 -9.70 -24.40
N ALA B 221 13.35 -9.04 -25.43
CA ALA B 221 14.33 -7.96 -25.25
C ALA B 221 14.04 -6.84 -26.25
N CYS B 222 15.01 -5.93 -26.36
CA CYS B 222 14.89 -4.79 -27.28
C CYS B 222 14.82 -5.25 -28.74
N ASP B 223 15.53 -6.31 -29.09
CA ASP B 223 15.60 -6.75 -30.48
C ASP B 223 14.30 -7.39 -30.97
N ALA B 224 13.23 -7.33 -30.17
CA ALA B 224 11.91 -7.81 -30.58
C ALA B 224 11.95 -9.27 -31.02
N SER B 225 12.74 -10.08 -30.31
CA SER B 225 12.87 -11.50 -30.59
C SER B 225 12.64 -12.27 -29.30
N ALA B 226 11.47 -12.89 -29.19
CA ALA B 226 11.17 -13.72 -28.03
C ALA B 226 11.88 -15.06 -28.19
N LYS B 227 12.74 -15.40 -27.23
CA LYS B 227 13.52 -16.61 -27.28
C LYS B 227 13.04 -17.59 -26.23
N LEU B 228 12.90 -18.85 -26.64
CA LEU B 228 12.51 -19.96 -25.77
C LEU B 228 13.74 -20.80 -25.48
N TRP B 229 13.99 -21.04 -24.20
CA TRP B 229 15.19 -21.69 -23.69
C TRP B 229 14.81 -22.97 -22.97
N ASP B 230 15.66 -23.99 -23.11
CA ASP B 230 15.59 -25.21 -22.31
C ASP B 230 16.55 -25.09 -21.14
N VAL B 231 16.05 -25.38 -19.94
CA VAL B 231 16.86 -25.19 -18.74
C VAL B 231 18.10 -26.09 -18.76
N ARG B 232 17.90 -27.37 -19.10
CA ARG B 232 19.02 -28.31 -19.07
C ARG B 232 19.98 -28.08 -20.24
N GLU B 233 19.44 -27.74 -21.41
CA GLU B 233 20.29 -27.53 -22.58
C GLU B 233 21.25 -26.35 -22.38
N GLY B 234 20.75 -25.26 -21.80
CA GLY B 234 21.59 -24.13 -21.48
C GLY B 234 21.81 -23.12 -22.59
N MET B 235 21.17 -23.28 -23.74
CA MET B 235 21.36 -22.36 -24.85
C MET B 235 20.13 -22.41 -25.74
N CYS B 236 19.92 -21.32 -26.48
CA CYS B 236 18.61 -20.99 -27.01
C CYS B 236 18.03 -22.10 -27.88
N ARG B 237 16.77 -22.44 -27.63
CA ARG B 237 16.10 -23.52 -28.36
C ARG B 237 15.24 -23.01 -29.50
N GLN B 238 14.49 -21.93 -29.29
CA GLN B 238 13.63 -21.39 -30.34
C GLN B 238 13.64 -19.87 -30.31
N THR B 239 13.34 -19.27 -31.47
CA THR B 239 13.30 -17.81 -31.60
C THR B 239 12.06 -17.41 -32.38
N PHE B 240 11.50 -16.25 -32.01
CA PHE B 240 10.35 -15.68 -32.68
C PHE B 240 10.59 -14.18 -32.90
N THR B 241 10.29 -13.71 -34.10
CA THR B 241 10.56 -12.32 -34.47
C THR B 241 9.34 -11.70 -35.14
N GLY B 242 8.17 -11.89 -34.54
CA GLY B 242 6.95 -11.33 -35.08
C GLY B 242 6.67 -9.89 -34.71
N HIS B 243 7.39 -9.34 -33.74
CA HIS B 243 7.15 -7.98 -33.27
C HIS B 243 8.13 -7.02 -33.93
N GLU B 244 7.97 -5.72 -33.60
CA GLU B 244 8.81 -4.67 -34.18
C GLU B 244 9.66 -3.97 -33.13
N SER B 245 9.06 -3.40 -32.09
CA SER B 245 9.80 -2.50 -31.21
C SER B 245 10.61 -3.25 -30.15
N ASP B 246 9.92 -3.94 -29.24
CA ASP B 246 10.58 -4.62 -28.13
C ASP B 246 9.55 -5.45 -27.37
N ILE B 247 9.98 -6.62 -26.90
CA ILE B 247 9.11 -7.49 -26.11
C ILE B 247 9.23 -7.03 -24.66
N ASN B 248 8.32 -6.15 -24.25
CA ASN B 248 8.34 -5.56 -22.92
C ASN B 248 7.49 -6.31 -21.89
N ALA B 249 6.76 -7.34 -22.30
CA ALA B 249 6.05 -8.17 -21.34
C ALA B 249 5.76 -9.52 -22.00
N ILE B 250 5.81 -10.59 -21.21
CA ILE B 250 5.53 -11.92 -21.73
C ILE B 250 4.88 -12.76 -20.64
N CYS B 251 4.14 -13.79 -21.06
CA CYS B 251 3.56 -14.75 -20.14
C CYS B 251 3.29 -16.04 -20.90
N PHE B 252 3.15 -17.12 -20.16
CA PHE B 252 3.04 -18.46 -20.74
C PHE B 252 1.60 -18.94 -20.72
N PHE B 253 1.26 -19.79 -21.69
CA PHE B 253 -0.02 -20.46 -21.70
C PHE B 253 -0.04 -21.59 -20.66
N PRO B 254 -1.13 -21.72 -19.90
CA PRO B 254 -1.16 -22.77 -18.87
C PRO B 254 -1.06 -24.19 -19.42
N ASN B 255 -1.41 -24.40 -20.68
CA ASN B 255 -1.24 -25.74 -21.28
C ASN B 255 0.23 -26.09 -21.41
N GLY B 256 1.07 -25.12 -21.76
CA GLY B 256 2.50 -25.33 -21.87
C GLY B 256 3.03 -25.45 -23.29
N ASN B 257 2.27 -25.07 -24.31
CA ASN B 257 2.70 -25.16 -25.69
C ASN B 257 2.54 -23.84 -26.43
N ALA B 258 2.37 -22.74 -25.70
CA ALA B 258 2.19 -21.43 -26.32
C ALA B 258 2.52 -20.36 -25.28
N PHE B 259 2.68 -19.13 -25.77
CA PHE B 259 2.90 -18.00 -24.88
C PHE B 259 2.48 -16.71 -25.58
N ALA B 260 2.02 -15.75 -24.78
CA ALA B 260 1.53 -14.48 -25.29
C ALA B 260 2.35 -13.33 -24.71
N THR B 261 2.65 -12.35 -25.56
CA THR B 261 3.52 -11.24 -25.18
C THR B 261 2.88 -9.91 -25.56
N GLY B 262 3.32 -8.87 -24.86
CA GLY B 262 2.91 -7.50 -25.16
C GLY B 262 4.12 -6.61 -25.38
N SER B 263 4.03 -5.74 -26.38
CA SER B 263 5.12 -4.90 -26.81
C SER B 263 4.71 -3.42 -26.72
N ASP B 264 5.61 -2.56 -27.18
CA ASP B 264 5.33 -1.13 -27.25
C ASP B 264 4.44 -0.76 -28.44
N ASP B 265 4.20 -1.69 -29.36
CA ASP B 265 3.35 -1.46 -30.52
C ASP B 265 1.87 -1.71 -30.23
N ALA B 266 1.49 -1.76 -28.96
CA ALA B 266 0.12 -2.08 -28.55
C ALA B 266 -0.35 -3.39 -29.19
N THR B 267 0.55 -4.38 -29.22
CA THR B 267 0.29 -5.66 -29.85
C THR B 267 0.39 -6.77 -28.81
N CYS B 268 -0.53 -7.72 -28.88
CA CYS B 268 -0.58 -8.86 -27.98
C CYS B 268 -0.34 -10.17 -28.72
N ARG B 269 0.66 -10.17 -29.60
CA ARG B 269 0.93 -11.31 -30.47
C ARG B 269 1.18 -12.57 -29.65
N LEU B 270 0.56 -13.67 -30.06
CA LEU B 270 0.69 -14.96 -29.40
C LEU B 270 1.42 -15.93 -30.30
N PHE B 271 2.29 -16.75 -29.70
CA PHE B 271 3.07 -17.74 -30.44
C PHE B 271 2.84 -19.12 -29.86
N ASP B 272 2.97 -20.12 -30.72
CA ASP B 272 2.92 -21.52 -30.30
C ASP B 272 4.35 -22.03 -30.12
N LEU B 273 4.49 -23.32 -29.86
CA LEU B 273 5.80 -23.93 -29.65
C LEU B 273 6.17 -24.95 -30.71
N ARG B 274 5.28 -25.91 -31.00
CA ARG B 274 5.60 -26.93 -31.99
C ARG B 274 5.66 -26.34 -33.39
N ALA B 275 4.76 -25.40 -33.71
CA ALA B 275 4.71 -24.84 -35.06
C ALA B 275 5.82 -23.83 -35.32
N ASP B 276 6.31 -23.15 -34.28
CA ASP B 276 7.35 -22.13 -34.39
C ASP B 276 6.90 -20.92 -35.20
N GLN B 277 5.60 -20.77 -35.45
CA GLN B 277 5.07 -19.66 -36.21
C GLN B 277 4.00 -18.93 -35.40
N GLU B 278 3.86 -17.64 -35.69
CA GLU B 278 2.90 -16.80 -34.98
C GLU B 278 1.48 -17.22 -35.34
N LEU B 279 0.59 -17.19 -34.35
CA LEU B 279 -0.77 -17.68 -34.54
C LEU B 279 -1.74 -16.56 -34.94
N MET B 280 -1.93 -15.58 -34.05
CA MET B 280 -2.86 -14.48 -34.31
C MET B 280 -2.52 -13.34 -33.37
N THR B 281 -2.96 -12.14 -33.74
CA THR B 281 -2.62 -10.91 -33.04
C THR B 281 -3.86 -10.23 -32.50
N TYR B 282 -3.81 -9.83 -31.22
CA TYR B 282 -4.86 -9.05 -30.59
C TYR B 282 -4.46 -7.58 -30.56
N SER B 283 -4.46 -6.97 -31.75
CA SER B 283 -4.03 -5.60 -31.94
C SER B 283 -5.23 -4.71 -32.23
N HIS B 284 -5.33 -3.58 -31.53
CA HIS B 284 -6.37 -2.59 -31.74
C HIS B 284 -5.71 -1.25 -32.01
N ASP B 285 -6.12 -0.59 -33.10
CA ASP B 285 -5.53 0.68 -33.48
C ASP B 285 -5.86 1.80 -32.50
N ASN B 286 -6.83 1.59 -31.61
CA ASN B 286 -7.16 2.62 -30.62
C ASN B 286 -5.98 2.87 -29.69
N ILE B 287 -5.29 1.83 -29.27
CA ILE B 287 -4.15 1.97 -28.38
C ILE B 287 -2.90 2.26 -29.19
N ILE B 288 -2.19 3.33 -28.84
CA ILE B 288 -0.92 3.64 -29.46
C ILE B 288 0.25 3.45 -28.49
N CYS B 289 -0.01 3.41 -27.18
CA CYS B 289 1.03 3.24 -26.18
C CYS B 289 1.43 1.77 -26.08
N GLY B 290 2.35 1.49 -25.16
CA GLY B 290 2.85 0.15 -24.96
C GLY B 290 2.01 -0.65 -23.97
N ILE B 291 2.52 -1.82 -23.62
CA ILE B 291 1.87 -2.73 -22.68
C ILE B 291 2.73 -2.82 -21.43
N THR B 292 2.08 -3.08 -20.30
CA THR B 292 2.79 -3.23 -19.03
C THR B 292 2.96 -4.69 -18.62
N SER B 293 1.90 -5.49 -18.72
CA SER B 293 1.97 -6.91 -18.38
C SER B 293 0.78 -7.62 -19.01
N VAL B 294 0.93 -8.93 -19.17
CA VAL B 294 -0.13 -9.80 -19.67
C VAL B 294 -0.23 -11.02 -18.76
N SER B 295 -1.37 -11.69 -18.84
CA SER B 295 -1.63 -12.86 -18.01
C SER B 295 -2.84 -13.60 -18.56
N PHE B 296 -2.85 -14.91 -18.38
CA PHE B 296 -3.94 -15.76 -18.86
C PHE B 296 -4.88 -16.11 -17.70
N SER B 297 -5.84 -16.97 -17.97
CA SER B 297 -6.70 -17.57 -16.96
C SER B 297 -6.39 -19.07 -16.88
N LYS B 298 -7.01 -19.75 -15.91
CA LYS B 298 -6.75 -21.18 -15.75
C LYS B 298 -7.18 -21.96 -16.98
N SER B 299 -8.36 -21.65 -17.52
CA SER B 299 -8.79 -22.32 -18.75
C SER B 299 -7.96 -21.89 -19.95
N GLY B 300 -7.48 -20.64 -19.95
CA GLY B 300 -6.70 -20.12 -21.06
C GLY B 300 -7.52 -19.38 -22.10
N ARG B 301 -8.85 -19.47 -22.06
CA ARG B 301 -9.68 -18.73 -23.00
C ARG B 301 -10.07 -17.37 -22.43
N LEU B 302 -9.07 -16.69 -21.87
CA LEU B 302 -9.19 -15.29 -21.44
C LEU B 302 -7.79 -14.74 -21.21
N LEU B 303 -7.38 -13.76 -22.00
CA LEU B 303 -6.03 -13.19 -21.90
C LEU B 303 -6.18 -11.76 -21.41
N LEU B 304 -5.98 -11.56 -20.11
CA LEU B 304 -5.97 -10.21 -19.55
C LEU B 304 -4.71 -9.48 -19.99
N ALA B 305 -4.79 -8.15 -19.95
CA ALA B 305 -3.66 -7.33 -20.36
C ALA B 305 -3.77 -5.96 -19.69
N GLY B 306 -2.65 -5.27 -19.63
CA GLY B 306 -2.60 -3.96 -19.01
C GLY B 306 -1.93 -2.92 -19.88
N TYR B 307 -2.57 -1.78 -20.06
CA TYR B 307 -2.06 -0.73 -20.93
C TYR B 307 -1.81 0.53 -20.11
N ASP B 308 -1.11 1.47 -20.74
CA ASP B 308 -0.77 2.73 -20.09
C ASP B 308 -1.94 3.71 -20.06
N ASP B 309 -2.99 3.48 -20.86
CA ASP B 309 -4.11 4.41 -20.92
C ASP B 309 -5.12 4.16 -19.81
N PHE B 310 -4.62 4.03 -18.57
CA PHE B 310 -5.46 4.00 -17.37
C PHE B 310 -6.57 2.96 -17.46
N ASN B 311 -6.27 1.79 -18.02
CA ASN B 311 -7.26 0.74 -18.18
C ASN B 311 -6.57 -0.61 -18.30
N CYS B 312 -7.34 -1.66 -18.08
CA CYS B 312 -6.89 -3.04 -18.26
C CYS B 312 -7.87 -3.73 -19.22
N ASN B 313 -7.52 -3.77 -20.49
CA ASN B 313 -8.36 -4.47 -21.44
C ASN B 313 -8.23 -5.98 -21.25
N VAL B 314 -9.33 -6.69 -21.42
CA VAL B 314 -9.37 -8.14 -21.35
C VAL B 314 -9.79 -8.66 -22.71
N TRP B 315 -8.93 -9.48 -23.31
CA TRP B 315 -9.16 -10.03 -24.64
C TRP B 315 -9.78 -11.41 -24.53
N ASP B 316 -9.93 -12.06 -25.67
CA ASP B 316 -10.27 -13.48 -25.73
C ASP B 316 -9.24 -14.14 -26.63
N ALA B 317 -8.53 -15.14 -26.10
CA ALA B 317 -7.39 -15.70 -26.80
C ALA B 317 -7.77 -16.49 -28.05
N LEU B 318 -9.06 -16.56 -28.39
CA LEU B 318 -9.49 -17.25 -29.60
C LEU B 318 -10.11 -16.29 -30.62
N LYS B 319 -11.12 -15.52 -30.24
CA LYS B 319 -11.78 -14.61 -31.16
C LYS B 319 -11.05 -13.28 -31.34
N ALA B 320 -10.08 -12.97 -30.48
CA ALA B 320 -9.30 -11.74 -30.57
C ALA B 320 -10.18 -10.49 -30.49
N ASP B 321 -11.28 -10.58 -29.76
CA ASP B 321 -12.22 -9.47 -29.62
C ASP B 321 -12.33 -9.10 -28.15
N ARG B 322 -12.29 -7.79 -27.87
CA ARG B 322 -12.42 -7.31 -26.50
C ARG B 322 -13.74 -7.75 -25.90
N ALA B 323 -13.68 -8.34 -24.71
CA ALA B 323 -14.87 -8.85 -24.03
C ALA B 323 -15.17 -8.08 -22.75
N GLY B 324 -14.60 -6.91 -22.58
CA GLY B 324 -14.84 -6.10 -21.41
C GLY B 324 -13.63 -5.24 -21.11
N VAL B 325 -13.76 -4.45 -20.03
CA VAL B 325 -12.71 -3.56 -19.56
C VAL B 325 -12.55 -3.74 -18.06
N LEU B 326 -11.39 -3.33 -17.55
CA LEU B 326 -11.08 -3.34 -16.13
C LEU B 326 -10.48 -1.97 -15.81
N ALA B 327 -11.34 -1.02 -15.47
CA ALA B 327 -10.94 0.37 -15.22
C ALA B 327 -11.38 0.74 -13.82
N GLY B 328 -10.44 0.71 -12.87
CA GLY B 328 -10.70 1.12 -11.51
C GLY B 328 -9.53 1.85 -10.89
N HIS B 329 -8.57 2.23 -11.73
CA HIS B 329 -7.34 2.88 -11.30
C HIS B 329 -7.22 4.25 -11.97
N ASP B 330 -6.22 5.01 -11.53
CA ASP B 330 -5.97 6.35 -12.07
C ASP B 330 -4.56 6.53 -12.60
N ASN B 331 -3.68 5.54 -12.45
CA ASN B 331 -2.32 5.63 -12.97
C ASN B 331 -1.99 4.40 -13.80
N ARG B 332 -0.73 4.25 -14.18
CA ARG B 332 -0.30 3.08 -14.92
C ARG B 332 -0.54 1.81 -14.10
N VAL B 333 -1.14 0.81 -14.73
CA VAL B 333 -1.36 -0.48 -14.09
C VAL B 333 -0.06 -1.27 -14.22
N SER B 334 0.69 -1.36 -13.12
CA SER B 334 2.06 -1.88 -13.20
C SER B 334 2.06 -3.37 -13.53
N CYS B 335 1.47 -4.19 -12.66
CA CYS B 335 1.54 -5.64 -12.84
C CYS B 335 0.21 -6.27 -12.46
N LEU B 336 -0.40 -6.99 -13.39
CA LEU B 336 -1.63 -7.74 -13.14
C LEU B 336 -1.34 -9.22 -13.32
N GLY B 337 -1.76 -10.02 -12.34
CA GLY B 337 -1.52 -11.44 -12.35
C GLY B 337 -2.66 -12.29 -11.83
N VAL B 338 -2.92 -13.41 -12.49
CA VAL B 338 -3.92 -14.37 -12.03
C VAL B 338 -3.31 -15.27 -10.96
N THR B 339 -4.17 -15.95 -10.21
CA THR B 339 -3.72 -16.91 -9.21
C THR B 339 -3.51 -18.27 -9.87
N ASP B 340 -2.99 -19.22 -9.10
CA ASP B 340 -2.77 -20.56 -9.63
C ASP B 340 -4.09 -21.24 -9.96
N ASP B 341 -5.11 -21.06 -9.11
CA ASP B 341 -6.41 -21.67 -9.31
C ASP B 341 -7.42 -20.74 -9.99
N GLY B 342 -7.01 -19.54 -10.39
CA GLY B 342 -7.87 -18.70 -11.20
C GLY B 342 -9.08 -18.12 -10.49
N MET B 343 -9.03 -18.00 -9.16
CA MET B 343 -10.15 -17.40 -8.42
C MET B 343 -10.13 -15.88 -8.43
N ALA B 344 -9.00 -15.26 -8.76
CA ALA B 344 -8.88 -13.81 -8.69
C ALA B 344 -7.76 -13.35 -9.59
N VAL B 345 -7.73 -12.04 -9.83
CA VAL B 345 -6.61 -11.37 -10.51
C VAL B 345 -6.25 -10.13 -9.71
N ALA B 346 -4.97 -9.97 -9.41
CA ALA B 346 -4.48 -8.84 -8.64
C ALA B 346 -3.72 -7.90 -9.57
N THR B 347 -4.10 -6.63 -9.55
CA THR B 347 -3.52 -5.61 -10.44
C THR B 347 -2.87 -4.53 -9.58
N GLY B 348 -1.61 -4.74 -9.21
CA GLY B 348 -0.85 -3.71 -8.52
C GLY B 348 -0.60 -2.54 -9.44
N SER B 349 -1.04 -1.35 -9.05
CA SER B 349 -0.96 -0.18 -9.92
C SER B 349 0.18 0.73 -9.46
N TRP B 350 0.26 1.90 -10.08
CA TRP B 350 1.30 2.89 -9.78
C TRP B 350 0.85 3.92 -8.75
N ASP B 351 -0.38 3.83 -8.25
CA ASP B 351 -0.92 4.80 -7.32
C ASP B 351 -0.99 4.25 -5.90
N SER B 352 -0.01 3.43 -5.51
CA SER B 352 0.08 2.88 -4.16
C SER B 352 -1.15 2.06 -3.79
N PHE B 353 -1.61 1.22 -4.73
CA PHE B 353 -2.82 0.43 -4.49
C PHE B 353 -2.74 -0.90 -5.22
N LEU B 354 -3.20 -1.95 -4.53
CA LEU B 354 -3.44 -3.25 -5.14
C LEU B 354 -4.93 -3.48 -5.21
N LYS B 355 -5.41 -4.03 -6.32
CA LYS B 355 -6.83 -4.31 -6.49
C LYS B 355 -7.01 -5.77 -6.88
N ILE B 356 -7.81 -6.49 -6.10
CA ILE B 356 -8.06 -7.91 -6.32
C ILE B 356 -9.47 -8.03 -6.87
N TRP B 357 -9.56 -8.32 -8.17
CA TRP B 357 -10.81 -8.47 -8.88
C TRP B 357 -11.28 -9.93 -8.75
N ASN B 358 -12.35 -10.28 -9.46
CA ASN B 358 -12.85 -11.65 -9.48
C ASN B 358 -13.86 -11.82 -10.62
N LEU C 43 27.54 -17.44 -35.02
CA LEU C 43 26.14 -17.29 -35.39
C LEU C 43 25.71 -18.37 -36.38
N VAL C 44 26.70 -19.13 -36.87
CA VAL C 44 26.41 -20.20 -37.81
C VAL C 44 25.62 -21.32 -37.12
N GLU C 45 25.92 -21.58 -35.85
CA GLU C 45 25.23 -22.63 -35.12
C GLU C 45 23.75 -22.30 -34.97
N GLN C 46 23.43 -21.02 -34.78
CA GLN C 46 22.03 -20.61 -34.70
C GLN C 46 21.30 -20.95 -35.99
N LEU C 47 21.91 -20.63 -37.14
CA LEU C 47 21.29 -20.94 -38.42
C LEU C 47 21.15 -22.44 -38.63
N LYS C 48 22.18 -23.21 -38.25
CA LYS C 48 22.12 -24.66 -38.42
C LYS C 48 21.00 -25.26 -37.58
N MET C 49 20.88 -24.83 -36.32
CA MET C 49 19.83 -25.37 -35.46
C MET C 49 18.46 -24.90 -35.90
N GLU C 50 18.34 -23.68 -36.45
CA GLU C 50 17.06 -23.24 -36.98
C GLU C 50 16.65 -24.06 -38.19
N ALA C 51 17.62 -24.40 -39.05
CA ALA C 51 17.33 -25.26 -40.19
C ALA C 51 16.91 -26.65 -39.74
N ASN C 52 17.57 -27.17 -38.70
CA ASN C 52 17.26 -28.50 -38.19
C ASN C 52 16.18 -28.49 -37.11
N ILE C 53 15.47 -27.36 -36.94
CA ILE C 53 14.49 -27.25 -35.86
C ILE C 53 13.28 -28.16 -36.07
N ASP C 54 13.04 -28.64 -37.29
CA ASP C 54 11.92 -29.54 -37.59
C ASP C 54 10.58 -28.91 -37.21
N ARG C 55 10.26 -27.83 -37.91
CA ARG C 55 9.02 -27.10 -37.65
C ARG C 55 7.80 -27.94 -38.02
N ILE C 56 6.71 -27.73 -37.29
CA ILE C 56 5.46 -28.45 -37.47
C ILE C 56 4.42 -27.48 -38.02
N LYS C 57 3.39 -28.03 -38.68
CA LYS C 57 2.33 -27.22 -39.25
C LYS C 57 1.53 -26.53 -38.14
N VAL C 58 0.95 -25.37 -38.49
CA VAL C 58 0.24 -24.56 -37.51
C VAL C 58 -1.15 -25.09 -37.20
N SER C 59 -1.75 -25.86 -38.10
CA SER C 59 -3.12 -26.33 -37.89
C SER C 59 -3.20 -27.24 -36.67
N LYS C 60 -2.24 -28.15 -36.51
CA LYS C 60 -2.25 -29.03 -35.36
C LYS C 60 -2.10 -28.26 -34.05
N ALA C 61 -1.22 -27.26 -34.03
CA ALA C 61 -1.05 -26.46 -32.82
C ALA C 61 -2.31 -25.68 -32.49
N ALA C 62 -2.96 -25.10 -33.50
CA ALA C 62 -4.21 -24.37 -33.26
C ALA C 62 -5.30 -25.30 -32.76
N ALA C 63 -5.39 -26.51 -33.34
CA ALA C 63 -6.39 -27.47 -32.89
C ALA C 63 -6.13 -27.89 -31.45
N ASP C 64 -4.87 -28.13 -31.09
CA ASP C 64 -4.56 -28.47 -29.70
C ASP C 64 -4.93 -27.32 -28.76
N LEU C 65 -4.63 -26.08 -29.17
CA LEU C 65 -4.97 -24.93 -28.35
C LEU C 65 -6.47 -24.84 -28.09
N MET C 66 -7.27 -24.92 -29.16
CA MET C 66 -8.71 -24.75 -28.99
C MET C 66 -9.31 -25.94 -28.23
N ALA C 67 -8.79 -27.15 -28.48
CA ALA C 67 -9.28 -28.32 -27.76
C ALA C 67 -9.01 -28.21 -26.27
N TYR C 68 -7.80 -27.77 -25.89
CA TYR C 68 -7.51 -27.62 -24.47
C TYR C 68 -8.35 -26.50 -23.86
N CYS C 69 -8.55 -25.41 -24.60
CA CYS C 69 -9.36 -24.31 -24.09
C CYS C 69 -10.80 -24.76 -23.85
N GLU C 70 -11.35 -25.56 -24.77
CA GLU C 70 -12.73 -26.03 -24.61
C GLU C 70 -12.83 -27.06 -23.49
N ALA C 71 -11.82 -27.94 -23.37
CA ALA C 71 -11.92 -29.03 -22.40
C ALA C 71 -11.90 -28.53 -20.97
N HIS C 72 -11.04 -27.57 -20.65
CA HIS C 72 -10.84 -27.10 -19.28
C HIS C 72 -11.55 -25.78 -19.01
N ALA C 73 -12.69 -25.53 -19.65
CA ALA C 73 -13.38 -24.25 -19.54
C ALA C 73 -14.43 -24.22 -18.44
N LYS C 74 -15.02 -25.36 -18.11
CA LYS C 74 -16.12 -25.36 -17.15
C LYS C 74 -15.65 -25.04 -15.74
N GLU C 75 -14.47 -25.54 -15.35
CA GLU C 75 -14.06 -25.48 -13.96
C GLU C 75 -13.58 -24.08 -13.56
N ASP C 76 -12.88 -23.39 -14.45
CA ASP C 76 -12.21 -22.16 -14.03
C ASP C 76 -13.21 -21.02 -13.84
N PRO C 77 -13.02 -20.18 -12.83
CA PRO C 77 -13.79 -18.94 -12.74
C PRO C 77 -13.36 -17.93 -13.78
N LEU C 78 -13.88 -16.70 -13.67
CA LEU C 78 -13.52 -15.56 -14.51
C LEU C 78 -14.09 -15.70 -15.91
N LEU C 79 -14.71 -16.84 -16.21
CA LEU C 79 -15.40 -17.07 -17.47
C LEU C 79 -16.91 -16.94 -17.33
N THR C 80 -17.45 -17.42 -16.20
CA THR C 80 -18.85 -17.26 -15.82
C THR C 80 -18.89 -16.78 -14.39
N PRO C 81 -19.80 -15.85 -14.05
CA PRO C 81 -19.89 -15.39 -12.66
C PRO C 81 -20.10 -16.54 -11.70
N VAL C 82 -19.36 -16.50 -10.59
CA VAL C 82 -19.32 -17.61 -9.64
C VAL C 82 -20.33 -17.35 -8.53
N PRO C 83 -21.01 -18.38 -8.03
CA PRO C 83 -21.89 -18.18 -6.86
C PRO C 83 -21.08 -17.82 -5.63
N ALA C 84 -21.74 -17.12 -4.71
CA ALA C 84 -21.06 -16.65 -3.50
C ALA C 84 -20.66 -17.81 -2.59
N SER C 85 -21.30 -18.98 -2.76
CA SER C 85 -20.98 -20.12 -1.91
C SER C 85 -19.54 -20.58 -2.11
N GLU C 86 -19.09 -20.67 -3.36
CA GLU C 86 -17.73 -21.11 -3.64
C GLU C 86 -16.73 -19.96 -3.65
N ASN C 87 -17.19 -18.73 -3.82
CA ASN C 87 -16.27 -17.59 -3.84
C ASN C 87 -15.71 -17.37 -2.44
N PRO C 88 -14.38 -17.35 -2.28
CA PRO C 88 -13.80 -17.17 -0.94
C PRO C 88 -14.07 -15.79 -0.37
N PHE C 89 -13.87 -14.75 -1.18
CA PHE C 89 -14.16 -13.38 -0.77
C PHE C 89 -15.53 -12.98 -1.30
N ARG C 90 -16.56 -13.29 -0.52
CA ARG C 90 -17.92 -13.01 -0.95
C ARG C 90 -18.16 -11.51 -1.14
N GLU C 91 -17.65 -10.70 -0.22
CA GLU C 91 -17.81 -9.25 -0.30
C GLU C 91 -16.50 -8.53 -0.04
N LEU D 59 -47.58 34.38 -5.18
CA LEU D 59 -47.05 35.66 -5.63
C LEU D 59 -45.56 35.78 -5.30
N LYS D 60 -45.23 36.76 -4.46
CA LYS D 60 -43.84 36.93 -4.04
C LYS D 60 -43.42 35.93 -2.98
N LEU D 61 -44.36 35.48 -2.15
CA LEU D 61 -44.02 34.56 -1.06
C LEU D 61 -43.54 33.22 -1.60
N VAL D 62 -44.19 32.70 -2.63
CA VAL D 62 -43.76 31.42 -3.21
C VAL D 62 -42.39 31.57 -3.87
N LEU D 63 -42.14 32.71 -4.51
CA LEU D 63 -40.84 32.95 -5.11
C LEU D 63 -39.74 32.98 -4.04
N LYS D 64 -39.99 33.68 -2.94
CA LYS D 64 -39.02 33.72 -1.85
C LYS D 64 -38.80 32.32 -1.27
N THR D 65 -39.87 31.56 -1.08
CA THR D 65 -39.75 30.21 -0.54
C THR D 65 -38.94 29.31 -1.45
N LEU D 66 -39.22 29.36 -2.76
CA LEU D 66 -38.50 28.49 -3.69
C LEU D 66 -37.03 28.89 -3.78
N ALA D 67 -36.73 30.20 -3.79
CA ALA D 67 -35.34 30.62 -3.80
C ALA D 67 -34.62 30.17 -2.53
N LEU D 68 -35.29 30.26 -1.39
CA LEU D 68 -34.65 29.92 -0.13
C LEU D 68 -34.38 28.42 -0.04
N VAL D 69 -35.37 27.60 -0.41
CA VAL D 69 -35.15 26.16 -0.40
C VAL D 69 -34.13 25.78 -1.47
N THR D 70 -34.04 26.55 -2.56
CA THR D 70 -32.98 26.31 -3.55
C THR D 70 -31.61 26.53 -2.95
N ILE D 71 -31.44 27.62 -2.18
CA ILE D 71 -30.16 27.86 -1.52
C ILE D 71 -29.83 26.73 -0.54
N ILE D 72 -30.83 26.31 0.25
CA ILE D 72 -30.61 25.25 1.22
C ILE D 72 -30.21 23.96 0.52
N SER D 73 -30.94 23.60 -0.54
CA SER D 73 -30.68 22.37 -1.27
C SER D 73 -29.32 22.39 -1.93
N SER D 74 -28.93 23.54 -2.51
CA SER D 74 -27.61 23.66 -3.10
C SER D 74 -26.53 23.43 -2.05
N ALA D 75 -26.70 24.03 -0.86
CA ALA D 75 -25.72 23.86 0.19
C ALA D 75 -25.58 22.39 0.59
N VAL D 76 -26.70 21.73 0.91
CA VAL D 76 -26.61 20.34 1.37
C VAL D 76 -26.07 19.45 0.26
N PHE D 77 -26.54 19.65 -0.98
CA PHE D 77 -26.09 18.83 -2.08
C PHE D 77 -24.58 18.95 -2.29
N GLY D 78 -24.07 20.19 -2.34
CA GLY D 78 -22.65 20.36 -2.54
C GLY D 78 -21.82 19.76 -1.43
N ASN D 79 -22.21 20.02 -0.18
CA ASN D 79 -21.41 19.53 0.94
C ASN D 79 -21.43 18.00 1.02
N LEU D 80 -22.62 17.40 0.89
CA LEU D 80 -22.72 15.95 0.94
C LEU D 80 -22.00 15.31 -0.24
N LEU D 81 -22.04 15.95 -1.41
CA LEU D 81 -21.29 15.44 -2.55
C LEU D 81 -19.80 15.46 -2.28
N VAL D 82 -19.31 16.55 -1.67
CA VAL D 82 -17.88 16.62 -1.33
C VAL D 82 -17.51 15.50 -0.36
N VAL D 83 -18.33 15.32 0.68
CA VAL D 83 -18.03 14.31 1.70
C VAL D 83 -18.04 12.91 1.08
N THR D 84 -19.07 12.61 0.29
CA THR D 84 -19.16 11.30 -0.34
C THR D 84 -18.01 11.06 -1.30
N SER D 85 -17.63 12.08 -2.07
CA SER D 85 -16.53 11.91 -3.02
C SER D 85 -15.22 11.62 -2.29
N VAL D 86 -14.92 12.38 -1.23
CA VAL D 86 -13.66 12.18 -0.54
C VAL D 86 -13.65 10.84 0.19
N ILE D 87 -14.81 10.42 0.72
CA ILE D 87 -14.86 9.14 1.42
C ILE D 87 -14.68 7.98 0.44
N ARG D 88 -15.39 8.03 -0.70
CA ARG D 88 -15.37 6.91 -1.63
C ARG D 88 -14.10 6.84 -2.46
N HIS D 89 -13.48 7.98 -2.78
CA HIS D 89 -12.33 7.96 -3.67
C HIS D 89 -11.10 7.39 -2.98
N HIS D 90 -10.83 7.84 -1.75
CA HIS D 90 -9.71 7.42 -0.90
C HIS D 90 -8.37 7.86 -1.45
N LYS D 91 -8.32 8.48 -2.63
CA LYS D 91 -7.08 9.06 -3.14
C LYS D 91 -6.89 10.50 -2.70
N LEU D 92 -7.83 11.05 -1.94
CA LEU D 92 -7.75 12.42 -1.43
C LEU D 92 -7.93 12.43 0.09
N ARG D 93 -7.33 11.46 0.76
CA ARG D 93 -7.32 11.40 2.23
C ARG D 93 -6.05 12.00 2.82
N ILE D 94 -5.32 12.79 2.03
CA ILE D 94 -4.14 13.47 2.55
C ILE D 94 -4.56 14.46 3.63
N THR D 95 -3.61 14.75 4.53
CA THR D 95 -3.90 15.63 5.66
C THR D 95 -4.32 17.02 5.21
N THR D 96 -3.91 17.43 4.00
CA THR D 96 -4.29 18.75 3.50
C THR D 96 -5.79 18.84 3.27
N ASN D 97 -6.40 17.78 2.72
CA ASN D 97 -7.80 17.82 2.34
C ASN D 97 -8.73 17.61 3.52
N TYR D 98 -8.21 17.25 4.70
CA TYR D 98 -9.06 17.10 5.88
C TYR D 98 -9.75 18.40 6.25
N PHE D 99 -9.07 19.54 6.04
CA PHE D 99 -9.70 20.83 6.32
C PHE D 99 -10.92 21.03 5.44
N ILE D 100 -10.79 20.75 4.15
CA ILE D 100 -11.92 20.88 3.22
C ILE D 100 -13.04 19.93 3.61
N VAL D 101 -12.69 18.70 3.97
CA VAL D 101 -13.71 17.69 4.30
C VAL D 101 -14.51 18.11 5.53
N SER D 102 -13.80 18.48 6.61
CA SER D 102 -14.51 18.85 7.83
C SER D 102 -15.20 20.20 7.69
N LEU D 103 -14.71 21.08 6.80
CA LEU D 103 -15.45 22.29 6.47
C LEU D 103 -16.76 21.97 5.79
N ALA D 104 -16.75 21.01 4.86
CA ALA D 104 -18.00 20.54 4.27
C ALA D 104 -18.92 19.97 5.33
N LEU D 105 -18.36 19.24 6.29
CA LEU D 105 -19.18 18.70 7.39
C LEU D 105 -19.81 19.81 8.21
N ALA D 106 -19.03 20.82 8.58
CA ALA D 106 -19.54 21.92 9.39
C ALA D 106 -20.61 22.70 8.62
N ASP D 107 -20.41 22.91 7.32
CA ASP D 107 -21.41 23.63 6.55
C ASP D 107 -22.65 22.77 6.33
N THR D 108 -22.50 21.45 6.25
CA THR D 108 -23.66 20.56 6.23
C THR D 108 -24.46 20.72 7.52
N LEU D 109 -23.77 20.80 8.65
CA LEU D 109 -24.45 21.06 9.91
C LEU D 109 -25.16 22.41 9.88
N VAL D 110 -24.51 23.41 9.27
CA VAL D 110 -25.13 24.72 9.08
C VAL D 110 -26.46 24.57 8.35
N ALA D 111 -26.42 23.92 7.18
CA ALA D 111 -27.60 23.80 6.34
C ALA D 111 -28.69 23.00 7.03
N LEU D 112 -28.31 21.91 7.70
CA LEU D 112 -29.30 21.05 8.35
C LEU D 112 -29.97 21.73 9.53
N PHE D 113 -29.24 22.52 10.32
CA PHE D 113 -29.78 23.05 11.56
C PHE D 113 -30.26 24.50 11.45
N ALA D 114 -29.39 25.41 10.98
CA ALA D 114 -29.67 26.83 11.13
C ALA D 114 -30.61 27.34 10.04
N MET D 115 -30.28 27.10 8.76
CA MET D 115 -31.11 27.63 7.69
C MET D 115 -32.50 27.03 7.66
N THR D 116 -32.68 25.81 8.16
CA THR D 116 -34.03 25.25 8.27
C THR D 116 -34.90 26.12 9.17
N PHE D 117 -34.42 26.43 10.37
CA PHE D 117 -35.17 27.28 11.28
C PHE D 117 -35.36 28.68 10.71
N ASN D 118 -34.31 29.23 10.09
CA ASN D 118 -34.43 30.60 9.57
C ASN D 118 -35.44 30.65 8.43
N ALA D 119 -35.42 29.67 7.53
CA ALA D 119 -36.38 29.63 6.44
C ALA D 119 -37.80 29.43 6.96
N SER D 120 -37.98 28.56 7.96
CA SER D 120 -39.31 28.36 8.51
C SER D 120 -39.84 29.65 9.15
N VAL D 121 -38.98 30.36 9.89
CA VAL D 121 -39.43 31.57 10.57
C VAL D 121 -39.65 32.71 9.57
N THR D 122 -38.96 32.68 8.43
CA THR D 122 -39.23 33.69 7.40
C THR D 122 -40.54 33.38 6.67
N ILE D 123 -40.79 32.10 6.38
CA ILE D 123 -42.00 31.73 5.66
C ILE D 123 -43.24 31.95 6.53
N SER D 124 -43.18 31.57 7.80
CA SER D 124 -44.35 31.64 8.66
C SER D 124 -44.43 32.95 9.46
N GLY D 125 -43.31 33.43 9.94
CA GLY D 125 -43.28 34.61 10.80
C GLY D 125 -43.43 34.30 12.28
N ARG D 126 -44.53 33.68 12.66
CA ARG D 126 -44.68 33.18 14.02
C ARG D 126 -43.64 32.10 14.29
N TRP D 127 -43.00 32.19 15.45
CA TRP D 127 -41.99 31.21 15.87
C TRP D 127 -42.72 30.05 16.53
N LEU D 128 -42.89 28.96 15.77
CA LEU D 128 -43.65 27.79 16.24
C LEU D 128 -42.76 26.81 16.99
N PHE D 129 -42.05 27.30 18.00
CA PHE D 129 -41.20 26.47 18.83
C PHE D 129 -41.10 27.10 20.21
N ASN D 130 -40.50 26.35 21.14
CA ASN D 130 -40.29 26.87 22.48
C ASN D 130 -39.12 27.86 22.49
N GLN D 131 -39.06 28.65 23.57
CA GLN D 131 -38.00 29.65 23.67
C GLN D 131 -36.63 29.00 23.84
N THR D 132 -36.57 27.87 24.54
CA THR D 132 -35.32 27.11 24.63
C THR D 132 -34.87 26.67 23.24
N VAL D 133 -35.81 26.32 22.37
CA VAL D 133 -35.46 25.98 21.00
C VAL D 133 -34.89 27.20 20.28
N CYS D 134 -35.41 28.40 20.57
CA CYS D 134 -34.85 29.60 19.97
C CYS D 134 -33.41 29.84 20.44
N ASP D 135 -33.16 29.65 21.73
CA ASP D 135 -31.79 29.80 22.24
C ASP D 135 -30.87 28.77 21.61
N PHE D 136 -31.35 27.53 21.47
CA PHE D 136 -30.55 26.50 20.82
C PHE D 136 -30.26 26.85 19.36
N TRP D 137 -31.26 27.41 18.65
CA TRP D 137 -31.05 27.82 17.27
C TRP D 137 -30.01 28.91 17.17
N ASN D 138 -30.07 29.90 18.05
CA ASN D 138 -29.06 30.97 18.03
C ASN D 138 -27.67 30.42 18.34
N SER D 139 -27.58 29.51 19.31
CA SER D 139 -26.29 28.90 19.63
C SER D 139 -25.75 28.12 18.44
N CYS D 140 -26.62 27.38 17.74
CA CYS D 140 -26.21 26.64 16.56
C CYS D 140 -25.70 27.59 15.47
N ASP D 141 -26.44 28.68 15.23
CA ASP D 141 -26.01 29.72 14.32
C ASP D 141 -24.58 30.15 14.61
N VAL D 142 -24.35 30.63 15.83
CA VAL D 142 -23.05 31.19 16.17
C VAL D 142 -21.97 30.13 16.06
N LEU D 143 -22.23 28.94 16.63
CA LEU D 143 -21.25 27.86 16.65
C LEU D 143 -20.80 27.50 15.24
N PHE D 144 -21.74 27.22 14.35
CA PHE D 144 -21.33 26.67 13.08
C PHE D 144 -20.85 27.74 12.11
N SER D 145 -21.37 28.97 12.20
CA SER D 145 -20.80 30.04 11.39
C SER D 145 -19.36 30.34 11.81
N THR D 146 -19.11 30.42 13.12
CA THR D 146 -17.74 30.63 13.58
C THR D 146 -16.83 29.46 13.19
N ALA D 147 -17.36 28.23 13.25
CA ALA D 147 -16.57 27.08 12.82
C ALA D 147 -16.18 27.20 11.35
N SER D 148 -17.13 27.59 10.49
CA SER D 148 -16.83 27.73 9.07
C SER D 148 -15.78 28.81 8.83
N ILE D 149 -15.90 29.95 9.52
CA ILE D 149 -14.97 31.04 9.28
C ILE D 149 -13.57 30.67 9.77
N MET D 150 -13.48 30.12 10.99
CA MET D 150 -12.19 29.65 11.49
C MET D 150 -11.63 28.52 10.63
N HIS D 151 -12.52 27.79 9.94
CA HIS D 151 -12.08 26.71 9.06
C HIS D 151 -11.41 27.29 7.81
N LEU D 152 -12.01 28.34 7.25
CA LEU D 152 -11.36 29.10 6.20
C LEU D 152 -10.01 29.64 6.67
N CYS D 153 -9.94 30.10 7.92
CA CYS D 153 -8.67 30.58 8.47
C CYS D 153 -7.62 29.47 8.50
N CYS D 154 -8.02 28.27 8.92
CA CYS D 154 -7.09 27.14 8.95
C CYS D 154 -6.61 26.79 7.55
N ILE D 155 -7.52 26.81 6.57
CA ILE D 155 -7.13 26.53 5.19
C ILE D 155 -6.14 27.58 4.69
N SER D 156 -6.39 28.85 5.02
CA SER D 156 -5.49 29.93 4.61
C SER D 156 -4.11 29.75 5.23
N VAL D 157 -4.05 29.40 6.51
CA VAL D 157 -2.75 29.16 7.15
C VAL D 157 -2.04 27.97 6.50
N ASP D 158 -2.80 26.94 6.17
CA ASP D 158 -2.23 25.78 5.48
C ASP D 158 -1.57 26.19 4.16
N ARG D 159 -2.29 26.96 3.35
CA ARG D 159 -1.71 27.40 2.08
C ARG D 159 -0.52 28.31 2.29
N TYR D 160 -0.58 29.18 3.31
CA TYR D 160 0.54 30.06 3.60
C TYR D 160 1.80 29.27 3.93
N TYR D 161 1.67 28.23 4.76
CA TYR D 161 2.83 27.38 5.04
C TYR D 161 3.20 26.50 3.85
N ALA D 162 2.27 26.24 2.93
CA ALA D 162 2.57 25.43 1.77
C ALA D 162 3.19 26.23 0.62
N ILE D 163 3.22 27.56 0.71
CA ILE D 163 3.78 28.40 -0.35
C ILE D 163 4.99 29.19 0.15
N ILE D 164 4.87 29.84 1.30
CA ILE D 164 5.94 30.72 1.77
C ILE D 164 7.21 29.92 2.09
N LYS D 165 7.05 28.80 2.79
CA LYS D 165 8.17 27.95 3.19
C LYS D 165 7.87 26.53 2.74
N PRO D 166 7.99 26.24 1.44
CA PRO D 166 7.55 24.95 0.91
C PRO D 166 8.52 23.81 1.19
N LEU D 167 9.82 24.12 1.30
CA LEU D 167 10.81 23.07 1.49
C LEU D 167 10.65 22.39 2.85
N GLU D 168 10.35 23.16 3.89
CA GLU D 168 10.11 22.63 5.24
C GLU D 168 8.64 22.49 5.56
N TYR D 169 7.75 22.70 4.58
CA TYR D 169 6.32 22.51 4.80
C TYR D 169 5.96 21.10 5.24
N PRO D 170 6.42 20.01 4.59
CA PRO D 170 5.95 18.68 5.00
C PRO D 170 6.34 18.29 6.42
N THR D 171 7.36 18.91 7.01
CA THR D 171 7.76 18.62 8.37
C THR D 171 7.23 19.65 9.38
N LYS D 172 6.33 20.54 8.95
CA LYS D 172 5.70 21.48 9.85
C LYS D 172 4.18 21.39 9.83
N ILE D 173 3.59 20.65 8.90
CA ILE D 173 2.16 20.36 8.93
C ILE D 173 1.97 18.86 8.77
N THR D 174 1.83 18.17 9.90
CA THR D 174 1.61 16.74 9.94
C THR D 174 0.16 16.47 10.31
N GLY D 175 -0.21 15.19 10.41
CA GLY D 175 -1.55 14.85 10.90
C GLY D 175 -1.80 15.37 12.30
N ARG D 176 -0.76 15.36 13.14
CA ARG D 176 -0.87 15.92 14.48
C ARG D 176 -1.24 17.40 14.44
N THR D 177 -0.56 18.17 13.59
CA THR D 177 -0.82 19.60 13.50
C THR D 177 -2.20 19.87 12.92
N VAL D 178 -2.62 19.09 11.92
CA VAL D 178 -3.94 19.24 11.34
C VAL D 178 -5.01 18.98 12.39
N ALA D 179 -4.86 17.89 13.15
CA ALA D 179 -5.80 17.57 14.21
C ALA D 179 -5.81 18.65 15.29
N ILE D 180 -4.64 19.18 15.63
CA ILE D 180 -4.55 20.23 16.66
C ILE D 180 -5.31 21.47 16.22
N MET D 181 -5.10 21.90 14.97
CA MET D 181 -5.77 23.11 14.49
C MET D 181 -7.28 22.89 14.36
N LEU D 182 -7.70 21.73 13.86
CA LEU D 182 -9.12 21.43 13.76
C LEU D 182 -9.78 21.43 15.13
N THR D 183 -9.13 20.79 16.11
CA THR D 183 -9.65 20.77 17.47
C THR D 183 -9.71 22.17 18.07
N CYS D 184 -8.67 22.98 17.83
CA CYS D 184 -8.68 24.35 18.34
C CYS D 184 -9.84 25.14 17.77
N ALA D 185 -10.08 25.03 16.45
CA ALA D 185 -11.18 25.76 15.84
C ALA D 185 -12.52 25.31 16.41
N TRP D 186 -12.76 24.00 16.44
CA TRP D 186 -14.05 23.50 16.92
C TRP D 186 -14.27 23.86 18.39
N VAL D 187 -13.23 23.70 19.22
CA VAL D 187 -13.35 23.99 20.65
C VAL D 187 -13.61 25.47 20.87
N SER D 188 -12.89 26.34 20.16
CA SER D 188 -13.11 27.77 20.32
C SER D 188 -14.52 28.17 19.91
N SER D 189 -15.01 27.62 18.79
CA SER D 189 -16.36 27.93 18.35
C SER D 189 -17.40 27.48 19.38
N GLY D 190 -17.24 26.25 19.89
CA GLY D 190 -18.16 25.78 20.91
C GLY D 190 -18.12 26.63 22.17
N LEU D 191 -16.93 27.03 22.59
CA LEU D 191 -16.77 27.83 23.79
C LEU D 191 -17.45 29.19 23.64
N ILE D 192 -17.29 29.85 22.49
CA ILE D 192 -17.92 31.15 22.33
C ILE D 192 -19.44 30.99 22.22
N SER D 193 -19.89 29.94 21.55
CA SER D 193 -21.31 29.84 21.24
C SER D 193 -22.14 29.31 22.41
N PHE D 194 -21.87 28.08 22.86
CA PHE D 194 -22.86 27.36 23.67
C PHE D 194 -22.98 27.94 25.07
N ILE D 195 -21.86 28.23 25.72
CA ILE D 195 -21.89 28.58 27.14
C ILE D 195 -22.71 29.84 27.42
N PRO D 196 -22.47 30.98 26.77
CA PRO D 196 -23.15 32.21 27.21
C PRO D 196 -24.64 32.22 26.96
N ILE D 197 -25.12 31.60 25.87
CA ILE D 197 -26.54 31.64 25.57
C ILE D 197 -27.34 30.85 26.58
N PHE D 198 -26.89 29.62 26.89
CA PHE D 198 -27.60 28.82 27.87
C PHE D 198 -27.40 29.32 29.29
N LEU D 199 -26.21 29.85 29.60
CA LEU D 199 -25.99 30.38 30.94
C LEU D 199 -26.80 31.64 31.20
N GLY D 200 -26.94 32.49 30.18
CA GLY D 200 -27.72 33.71 30.30
C GLY D 200 -26.94 34.99 30.11
N TRP D 201 -25.62 34.94 29.89
CA TRP D 201 -24.84 36.15 29.67
C TRP D 201 -24.93 36.68 28.25
N TYR D 202 -25.56 35.94 27.34
CA TYR D 202 -25.61 36.36 25.95
C TYR D 202 -26.50 37.58 25.71
N THR D 203 -27.36 37.93 26.67
CA THR D 203 -28.24 39.06 26.52
C THR D 203 -28.32 39.81 27.85
N THR D 204 -28.66 41.09 27.77
CA THR D 204 -28.78 41.93 28.95
C THR D 204 -30.16 41.74 29.59
N ASN D 205 -30.30 42.28 30.81
CA ASN D 205 -31.56 42.16 31.53
C ASN D 205 -32.69 42.92 30.84
N GLU D 206 -32.37 44.01 30.15
CA GLU D 206 -33.38 44.76 29.43
C GLU D 206 -34.05 43.90 28.36
N HIS D 207 -33.24 43.18 27.58
CA HIS D 207 -33.84 42.27 26.61
C HIS D 207 -34.43 41.03 27.26
N LEU D 208 -33.97 40.68 28.47
CA LEU D 208 -34.66 39.63 29.22
C LEU D 208 -36.10 40.03 29.52
N VAL D 209 -36.30 41.26 29.98
CA VAL D 209 -37.66 41.76 30.20
C VAL D 209 -38.40 41.88 28.87
N TYR D 210 -37.68 42.26 27.81
CA TYR D 210 -38.28 42.32 26.48
C TYR D 210 -38.88 40.98 26.08
N LYS D 211 -38.11 39.90 26.27
CA LYS D 211 -38.61 38.56 25.99
C LYS D 211 -39.74 38.18 26.93
N VAL D 212 -39.64 38.57 28.21
CA VAL D 212 -40.65 38.21 29.19
C VAL D 212 -42.00 38.83 28.82
N GLU D 213 -41.99 40.05 28.28
CA GLU D 213 -43.23 40.75 27.96
C GLU D 213 -44.07 39.94 26.98
N HIS D 214 -43.57 39.71 25.78
CA HIS D 214 -44.28 38.91 24.77
C HIS D 214 -43.40 37.75 24.33
N PRO D 215 -43.71 36.51 24.72
CA PRO D 215 -42.90 35.36 24.31
C PRO D 215 -43.25 34.79 22.96
N ASP D 216 -44.07 35.47 22.16
CA ASP D 216 -44.49 34.93 20.88
C ASP D 216 -43.33 34.84 19.89
N GLU D 217 -42.50 35.87 19.83
CA GLU D 217 -41.41 35.95 18.87
C GLU D 217 -40.10 36.23 19.58
N CYS D 218 -39.00 35.73 19.00
CA CYS D 218 -37.67 35.92 19.54
C CYS D 218 -36.73 36.44 18.47
N ILE D 219 -35.92 37.43 18.83
CA ILE D 219 -34.94 38.03 17.94
C ILE D 219 -33.58 38.00 18.60
N PHE D 220 -32.55 37.67 17.83
CA PHE D 220 -31.20 37.49 18.37
C PHE D 220 -30.52 38.84 18.51
N VAL D 221 -30.35 39.29 19.75
CA VAL D 221 -29.58 40.49 20.07
C VAL D 221 -28.69 40.19 21.27
N VAL D 222 -27.63 40.97 21.42
CA VAL D 222 -26.60 40.72 22.40
C VAL D 222 -26.29 42.01 23.16
N ASN D 223 -25.34 41.91 24.10
CA ASN D 223 -24.86 43.03 24.90
C ASN D 223 -23.43 43.37 24.51
N LYS D 224 -22.85 44.35 25.22
CA LYS D 224 -21.53 44.86 24.85
C LYS D 224 -20.45 43.78 24.87
N PRO D 225 -20.20 43.08 26.01
CA PRO D 225 -19.10 42.10 26.01
C PRO D 225 -19.32 40.95 25.05
N TYR D 226 -20.55 40.42 24.98
CA TYR D 226 -20.81 39.35 24.03
C TYR D 226 -20.62 39.82 22.59
N ALA D 227 -21.06 41.06 22.30
CA ALA D 227 -20.87 41.59 20.95
C ALA D 227 -19.39 41.65 20.59
N ILE D 228 -18.58 42.26 21.45
CA ILE D 228 -17.16 42.42 21.10
C ILE D 228 -16.47 41.06 21.02
N ILE D 229 -16.76 40.16 21.97
CA ILE D 229 -16.09 38.85 21.99
C ILE D 229 -16.47 38.04 20.76
N SER D 230 -17.77 38.01 20.42
CA SER D 230 -18.23 37.25 19.28
C SER D 230 -17.66 37.82 17.98
N SER D 231 -17.65 39.15 17.86
CA SER D 231 -17.10 39.76 16.65
C SER D 231 -15.60 39.47 16.51
N SER D 232 -14.86 39.51 17.62
CA SER D 232 -13.43 39.27 17.57
C SER D 232 -13.13 37.81 17.23
N VAL D 233 -13.78 36.87 17.92
CA VAL D 233 -13.48 35.45 17.73
C VAL D 233 -14.19 34.85 16.52
N SER D 234 -15.08 35.61 15.88
CA SER D 234 -15.82 35.10 14.73
C SER D 234 -15.37 35.67 13.40
N PHE D 235 -15.04 36.96 13.34
CA PHE D 235 -14.63 37.57 12.08
C PHE D 235 -13.22 38.16 12.13
N TRP D 236 -12.92 39.01 13.12
CA TRP D 236 -11.82 39.96 12.98
C TRP D 236 -10.47 39.25 12.90
N ILE D 237 -10.20 38.32 13.82
CA ILE D 237 -8.93 37.58 13.76
C ILE D 237 -8.82 36.73 12.50
N PRO D 238 -9.82 35.93 12.11
CA PRO D 238 -9.71 35.24 10.81
C PRO D 238 -9.63 36.21 9.64
N CYS D 239 -10.29 37.36 9.71
CA CYS D 239 -10.19 38.33 8.63
C CYS D 239 -8.77 38.85 8.48
N CYS D 240 -8.11 39.16 9.61
CA CYS D 240 -6.71 39.56 9.55
C CYS D 240 -5.83 38.43 9.03
N ILE D 241 -6.14 37.19 9.40
CA ILE D 241 -5.37 36.06 8.91
C ILE D 241 -5.49 35.96 7.38
N MET D 242 -6.71 36.12 6.86
CA MET D 242 -6.89 36.26 5.42
C MET D 242 -5.99 37.35 4.85
N LEU D 243 -6.20 38.59 5.31
CA LEU D 243 -5.56 39.74 4.68
C LEU D 243 -4.05 39.71 4.80
N PHE D 244 -3.51 38.90 5.71
CA PHE D 244 -2.06 38.72 5.78
C PHE D 244 -1.58 37.57 4.89
N THR D 245 -2.07 36.36 5.17
CA THR D 245 -1.53 35.18 4.50
C THR D 245 -1.85 35.17 3.01
N TYR D 246 -3.09 35.49 2.63
CA TYR D 246 -3.44 35.45 1.22
C TYR D 246 -2.76 36.57 0.45
N TRP D 247 -2.54 37.73 1.09
CA TRP D 247 -1.78 38.77 0.43
C TRP D 247 -0.33 38.34 0.20
N ARG D 248 0.27 37.66 1.19
CA ARG D 248 1.64 37.19 1.02
C ARG D 248 1.75 36.16 -0.10
N ILE D 249 0.82 35.20 -0.13
CA ILE D 249 0.88 34.19 -1.20
C ILE D 249 0.62 34.82 -2.55
N TYR D 250 -0.24 35.84 -2.61
CA TYR D 250 -0.47 36.56 -3.86
C TYR D 250 0.80 37.28 -4.33
N VAL D 251 1.52 37.93 -3.41
CA VAL D 251 2.72 38.65 -3.82
C VAL D 251 3.80 37.66 -4.27
N GLU D 252 3.87 36.50 -3.63
CA GLU D 252 4.81 35.46 -4.09
C GLU D 252 4.44 34.98 -5.48
N ALA D 253 3.15 34.73 -5.73
CA ALA D 253 2.73 34.27 -7.04
C ALA D 253 2.99 35.33 -8.11
N THR D 254 2.76 36.60 -7.78
CA THR D 254 3.03 37.68 -8.72
C THR D 254 4.52 37.77 -9.04
N ARG D 255 5.38 37.64 -8.02
CA ARG D 255 6.82 37.66 -8.27
C ARG D 255 7.24 36.51 -9.16
N GLN D 256 6.72 35.30 -8.90
CA GLN D 256 7.07 34.16 -9.73
C GLN D 256 6.59 34.34 -11.16
N GLU D 257 5.37 34.85 -11.34
CA GLU D 257 4.84 35.05 -12.68
C GLU D 257 5.65 36.09 -13.45
N LYS D 258 6.04 37.17 -12.78
CA LYS D 258 6.83 38.19 -13.46
C LYS D 258 8.26 37.71 -13.73
N MET D 259 8.78 36.81 -12.90
CA MET D 259 10.08 36.23 -13.16
C MET D 259 10.05 35.15 -14.23
N LEU D 260 8.86 34.59 -14.52
CA LEU D 260 8.76 33.59 -15.58
C LEU D 260 9.13 34.19 -16.93
N CYS D 261 8.64 35.40 -17.21
CA CYS D 261 8.86 36.12 -18.48
C CYS D 261 8.89 35.22 -19.70
N LYS D 315 -2.55 34.97 -13.46
CA LYS D 315 -3.86 34.37 -13.18
C LYS D 315 -4.10 34.30 -11.68
N ALA D 316 -3.07 34.60 -10.90
CA ALA D 316 -3.21 34.61 -9.45
C ALA D 316 -4.15 35.71 -8.98
N ALA D 317 -4.18 36.83 -9.69
CA ALA D 317 -5.04 37.94 -9.28
C ALA D 317 -6.50 37.54 -9.28
N LYS D 318 -6.95 36.88 -10.34
CA LYS D 318 -8.36 36.49 -10.43
C LYS D 318 -8.72 35.50 -9.33
N THR D 319 -7.89 34.47 -9.14
CA THR D 319 -8.16 33.45 -8.13
C THR D 319 -8.19 34.06 -6.73
N LEU D 320 -7.16 34.84 -6.39
CA LEU D 320 -7.11 35.45 -5.06
C LEU D 320 -8.27 36.40 -4.86
N GLY D 321 -8.58 37.23 -5.86
CA GLY D 321 -9.68 38.17 -5.74
C GLY D 321 -11.01 37.47 -5.52
N ILE D 322 -11.29 36.44 -6.32
CA ILE D 322 -12.55 35.73 -6.15
C ILE D 322 -12.61 35.09 -4.76
N ILE D 323 -11.56 34.35 -4.38
CA ILE D 323 -11.59 33.56 -3.15
C ILE D 323 -11.75 34.48 -1.94
N MET D 324 -11.01 35.59 -1.91
CA MET D 324 -11.08 36.46 -0.73
C MET D 324 -12.31 37.36 -0.78
N GLY D 325 -12.56 38.00 -1.93
CA GLY D 325 -13.65 38.95 -2.02
C GLY D 325 -15.01 38.33 -1.83
N ALA D 326 -15.20 37.10 -2.30
CA ALA D 326 -16.49 36.46 -2.06
C ALA D 326 -16.79 36.39 -0.56
N PHE D 327 -15.85 35.84 0.22
CA PHE D 327 -16.05 35.68 1.65
C PHE D 327 -16.19 37.03 2.34
N ILE D 328 -15.34 37.99 1.97
CA ILE D 328 -15.39 39.28 2.65
C ILE D 328 -16.70 40.01 2.35
N LEU D 329 -17.15 39.95 1.09
CA LEU D 329 -18.38 40.63 0.72
C LEU D 329 -19.61 40.00 1.36
N CYS D 330 -19.63 38.67 1.48
CA CYS D 330 -20.79 38.02 2.06
C CYS D 330 -20.80 38.05 3.59
N TRP D 331 -19.65 38.28 4.23
CA TRP D 331 -19.64 38.28 5.69
C TRP D 331 -19.53 39.67 6.31
N LEU D 332 -18.97 40.66 5.58
CA LEU D 332 -18.69 41.95 6.19
C LEU D 332 -19.95 42.70 6.61
N PRO D 333 -20.96 42.90 5.76
CA PRO D 333 -22.10 43.75 6.17
C PRO D 333 -22.83 43.25 7.40
N PHE D 334 -22.92 41.93 7.59
CA PHE D 334 -23.59 41.41 8.78
C PHE D 334 -22.89 41.88 10.05
N PHE D 335 -21.58 41.67 10.14
CA PHE D 335 -20.84 42.10 11.32
C PHE D 335 -20.73 43.62 11.40
N LEU D 336 -20.78 44.32 10.27
CA LEU D 336 -20.83 45.78 10.31
C LEU D 336 -22.10 46.25 11.01
N TRP D 337 -23.25 45.75 10.56
CA TRP D 337 -24.51 46.00 11.25
C TRP D 337 -24.40 45.66 12.73
N TYR D 338 -23.90 44.45 13.01
CA TYR D 338 -23.79 43.92 14.36
C TYR D 338 -23.02 44.89 15.26
N VAL D 339 -21.75 45.11 14.96
CA VAL D 339 -20.87 45.88 15.83
C VAL D 339 -21.28 47.35 15.85
N SER D 340 -21.61 47.92 14.69
CA SER D 340 -21.93 49.33 14.63
C SER D 340 -23.21 49.66 15.37
N ILE D 341 -24.18 48.75 15.41
CA ILE D 341 -25.46 49.07 16.02
C ILE D 341 -25.77 48.10 17.16
N THR D 342 -24.74 47.62 17.87
CA THR D 342 -25.00 47.15 19.23
C THR D 342 -25.64 48.26 20.05
N MET D 343 -25.17 49.50 19.88
CA MET D 343 -25.72 50.65 20.58
C MET D 343 -26.92 51.22 19.83
N LEU D 353 -36.28 44.37 8.09
CA LEU D 353 -36.14 43.32 7.08
C LEU D 353 -34.69 43.15 6.67
N VAL D 354 -33.85 44.11 7.07
CA VAL D 354 -32.44 44.08 6.68
C VAL D 354 -31.73 42.90 7.30
N VAL D 355 -32.00 42.61 8.57
CA VAL D 355 -31.30 41.55 9.29
C VAL D 355 -31.51 40.21 8.59
N ASP D 356 -32.73 39.97 8.10
CA ASP D 356 -32.99 38.73 7.35
C ASP D 356 -32.10 38.64 6.12
N LEU D 357 -31.96 39.76 5.39
CA LEU D 357 -31.03 39.78 4.26
C LEU D 357 -29.63 39.38 4.72
N LEU D 358 -29.05 40.14 5.64
CA LEU D 358 -27.66 39.88 6.05
C LEU D 358 -27.46 38.43 6.47
N PHE D 359 -28.38 37.89 7.26
CA PHE D 359 -28.35 36.47 7.60
C PHE D 359 -28.31 35.63 6.34
N TRP D 360 -29.09 36.00 5.33
CA TRP D 360 -29.18 35.12 4.17
C TRP D 360 -28.02 35.27 3.20
N ILE D 361 -27.35 36.42 3.15
CA ILE D 361 -26.07 36.42 2.42
C ILE D 361 -25.02 35.63 3.18
N GLY D 362 -25.06 35.62 4.52
CA GLY D 362 -24.17 34.73 5.26
C GLY D 362 -24.40 33.27 4.90
N TYR D 363 -25.67 32.86 4.89
CA TYR D 363 -25.99 31.48 4.53
C TYR D 363 -25.74 31.23 3.04
N LEU D 364 -25.82 32.27 2.22
CA LEU D 364 -25.45 32.19 0.81
C LEU D 364 -23.96 31.88 0.66
N ASN D 365 -23.13 32.55 1.46
CA ASN D 365 -21.73 32.19 1.57
C ASN D 365 -21.57 30.74 1.97
N SER D 366 -22.34 30.31 2.95
CA SER D 366 -22.32 28.92 3.36
C SER D 366 -22.56 28.01 2.16
N SER D 367 -23.54 28.36 1.34
CA SER D 367 -23.85 27.55 0.16
C SER D 367 -22.69 27.54 -0.84
N LEU D 368 -22.03 28.67 -1.04
CA LEU D 368 -20.96 28.72 -2.05
C LEU D 368 -19.67 28.05 -1.59
N ASN D 369 -19.41 28.00 -0.27
CA ASN D 369 -18.10 27.57 0.21
C ASN D 369 -17.57 26.27 -0.38
N PRO D 370 -18.30 25.15 -0.38
CA PRO D 370 -17.70 23.90 -0.86
C PRO D 370 -17.73 23.72 -2.37
N VAL D 371 -18.24 24.71 -3.10
CA VAL D 371 -18.04 24.75 -4.55
C VAL D 371 -16.81 25.59 -4.90
N ILE D 372 -16.67 26.75 -4.27
CA ILE D 372 -15.52 27.61 -4.55
C ILE D 372 -14.22 26.97 -4.07
N TYR D 373 -14.25 26.34 -2.89
CA TYR D 373 -13.02 25.78 -2.33
C TYR D 373 -12.75 24.36 -2.79
N ALA D 374 -13.46 23.89 -3.81
CA ALA D 374 -13.18 22.57 -4.37
C ALA D 374 -13.03 22.63 -5.89
N TYR D 375 -13.71 23.58 -6.53
CA TYR D 375 -13.60 23.73 -7.97
C TYR D 375 -12.21 24.21 -8.38
N PHE D 376 -11.57 25.03 -7.54
CA PHE D 376 -10.25 25.56 -7.86
C PHE D 376 -9.12 24.58 -7.57
N ASN D 377 -9.42 23.43 -6.98
CA ASN D 377 -8.42 22.40 -6.72
C ASN D 377 -8.47 21.37 -7.84
N ARG D 378 -7.32 21.13 -8.48
CA ARG D 378 -7.27 20.23 -9.62
C ARG D 378 -7.71 18.81 -9.23
N GLU D 379 -7.17 18.30 -8.13
CA GLU D 379 -7.57 16.98 -7.65
C GLU D 379 -9.05 16.96 -7.30
N PHE D 380 -9.53 18.00 -6.61
CA PHE D 380 -10.96 18.05 -6.28
C PHE D 380 -11.80 18.33 -7.51
N ARG D 381 -11.25 19.00 -8.52
CA ARG D 381 -11.97 19.13 -9.79
C ARG D 381 -12.18 17.77 -10.45
N GLN D 382 -11.13 16.95 -10.48
CA GLN D 382 -11.27 15.61 -11.03
C GLN D 382 -12.23 14.77 -10.20
N ALA D 383 -12.18 14.92 -8.87
CA ALA D 383 -13.11 14.20 -8.01
C ALA D 383 -14.55 14.63 -8.26
N PHE D 384 -14.77 15.93 -8.48
CA PHE D 384 -16.10 16.44 -8.79
C PHE D 384 -16.60 15.85 -10.11
N LYS D 385 -15.73 15.79 -11.12
CA LYS D 385 -16.12 15.20 -12.39
C LYS D 385 -16.48 13.72 -12.21
N GLU D 386 -15.67 12.98 -11.45
CA GLU D 386 -15.96 11.58 -11.20
C GLU D 386 -17.29 11.39 -10.49
N THR D 387 -17.55 12.22 -9.47
CA THR D 387 -18.80 12.11 -8.72
C THR D 387 -19.99 12.46 -9.60
N LEU D 388 -19.86 13.49 -10.44
CA LEU D 388 -20.94 13.85 -11.35
C LEU D 388 -21.22 12.73 -12.34
N GLN D 389 -20.16 12.07 -12.83
CA GLN D 389 -20.36 10.91 -13.69
C GLN D 389 -21.02 9.76 -12.93
N ALA D 390 -20.75 9.65 -11.63
CA ALA D 390 -21.35 8.59 -10.84
C ALA D 390 -22.86 8.77 -10.69
N ILE D 391 -23.35 10.00 -10.80
CA ILE D 391 -24.78 10.27 -10.69
C ILE D 391 -25.52 9.72 -11.90
N VAL E 32 17.96 -19.44 20.32
CA VAL E 32 16.94 -18.82 21.15
C VAL E 32 16.98 -19.39 22.56
N GLN E 33 16.61 -18.57 23.55
CA GLN E 33 16.70 -18.98 24.94
C GLN E 33 15.75 -18.11 25.78
N LEU E 34 15.04 -18.77 26.69
CA LEU E 34 14.22 -18.12 27.70
C LEU E 34 14.71 -18.55 29.07
N VAL E 35 15.00 -17.59 29.94
CA VAL E 35 15.48 -17.86 31.28
C VAL E 35 14.52 -17.23 32.28
N GLU E 36 14.00 -18.02 33.21
CA GLU E 36 13.06 -17.55 34.21
C GLU E 36 13.74 -17.47 35.57
N SER E 37 13.50 -16.38 36.27
CA SER E 37 14.10 -16.14 37.59
C SER E 37 13.01 -15.73 38.57
N GLY E 38 13.23 -16.10 39.84
CA GLY E 38 12.31 -15.81 40.92
C GLY E 38 11.98 -17.07 41.68
N GLY E 39 10.84 -17.04 42.37
CA GLY E 39 10.36 -18.19 43.10
C GLY E 39 11.02 -18.35 44.46
N GLY E 40 10.71 -19.46 45.11
CA GLY E 40 11.19 -19.80 46.43
C GLY E 40 10.05 -20.25 47.31
N LEU E 41 10.28 -20.23 48.62
CA LEU E 41 9.27 -20.56 49.60
C LEU E 41 8.90 -19.31 50.39
N VAL E 42 7.60 -18.98 50.39
CA VAL E 42 7.09 -17.78 51.05
C VAL E 42 5.75 -18.13 51.68
N GLN E 43 5.52 -17.62 52.90
CA GLN E 43 4.26 -17.88 53.59
C GLN E 43 3.11 -17.25 52.82
N PRO E 44 1.89 -17.80 52.96
CA PRO E 44 0.76 -17.28 52.19
C PRO E 44 0.47 -15.81 52.51
N GLY E 45 -0.28 -15.18 51.60
CA GLY E 45 -0.54 -13.76 51.70
C GLY E 45 0.66 -12.88 51.48
N GLY E 46 1.51 -13.23 50.52
CA GLY E 46 2.69 -12.44 50.21
C GLY E 46 2.76 -11.99 48.77
N SER E 47 3.91 -11.48 48.35
CA SER E 47 4.10 -11.00 46.98
C SER E 47 5.46 -11.45 46.48
N ARG E 48 5.56 -11.59 45.15
CA ARG E 48 6.78 -12.05 44.52
C ARG E 48 6.77 -11.70 43.04
N LYS E 49 7.95 -11.35 42.53
CA LYS E 49 8.14 -11.00 41.13
C LYS E 49 8.93 -12.08 40.42
N LEU E 50 8.43 -12.55 39.29
CA LEU E 50 9.14 -13.48 38.43
C LEU E 50 9.50 -12.78 37.13
N SER E 51 10.67 -13.13 36.57
CA SER E 51 11.19 -12.46 35.40
C SER E 51 11.54 -13.46 34.32
N CYS E 52 11.40 -13.03 33.06
CA CYS E 52 11.75 -13.81 31.88
C CYS E 52 12.70 -13.00 31.02
N SER E 53 13.93 -13.50 30.85
CA SER E 53 14.91 -12.90 29.95
C SER E 53 14.92 -13.72 28.66
N ALA E 54 14.67 -13.05 27.54
CA ALA E 54 14.66 -13.67 26.23
C ALA E 54 15.90 -13.24 25.46
N SER E 55 16.65 -14.21 24.94
CA SER E 55 17.87 -13.92 24.20
C SER E 55 17.97 -14.85 23.01
N GLY E 56 18.01 -14.27 21.81
CA GLY E 56 18.16 -15.07 20.60
C GLY E 56 17.17 -14.77 19.51
N PHE E 57 16.19 -13.92 19.79
CA PHE E 57 15.19 -13.60 18.79
C PHE E 57 14.59 -12.23 19.08
N ALA E 58 13.96 -11.65 18.07
CA ALA E 58 13.33 -10.34 18.18
C ALA E 58 11.95 -10.53 18.81
N PHE E 59 11.91 -10.53 20.14
CA PHE E 59 10.71 -10.87 20.90
C PHE E 59 9.77 -9.69 21.08
N SER E 60 10.11 -8.52 20.53
CA SER E 60 9.16 -7.42 20.51
C SER E 60 7.89 -7.82 19.75
N SER E 61 8.04 -8.41 18.58
CA SER E 61 6.88 -8.87 17.79
C SER E 61 6.56 -10.32 18.12
N PHE E 62 6.44 -10.63 19.42
CA PHE E 62 6.14 -11.98 19.89
C PHE E 62 5.20 -11.87 21.07
N GLY E 63 3.97 -12.32 20.90
CA GLY E 63 3.08 -12.50 22.03
C GLY E 63 3.66 -13.52 23.00
N MET E 64 3.31 -13.37 24.28
CA MET E 64 3.87 -14.21 25.32
C MET E 64 2.79 -14.69 26.27
N HIS E 65 3.03 -15.86 26.86
CA HIS E 65 2.11 -16.50 27.78
C HIS E 65 2.87 -17.00 29.00
N TRP E 66 2.15 -17.10 30.12
CA TRP E 66 2.64 -17.73 31.34
C TRP E 66 1.76 -18.94 31.63
N VAL E 67 2.39 -20.08 31.89
CA VAL E 67 1.66 -21.33 32.10
C VAL E 67 2.28 -22.05 33.29
N ARG E 68 1.52 -22.20 34.37
CA ARG E 68 2.03 -22.84 35.58
C ARG E 68 1.53 -24.27 35.67
N GLN E 69 2.33 -25.12 36.32
CA GLN E 69 2.02 -26.54 36.45
C GLN E 69 2.23 -26.95 37.90
N ALA E 70 1.21 -27.57 38.48
CA ALA E 70 1.31 -28.11 39.82
C ALA E 70 2.22 -29.33 39.83
N PRO E 71 2.83 -29.65 40.97
CA PRO E 71 3.75 -30.80 41.02
C PRO E 71 3.11 -32.11 40.60
N GLU E 72 1.82 -32.30 40.85
CA GLU E 72 1.13 -33.54 40.50
C GLU E 72 -0.04 -33.31 39.55
N LYS E 73 -0.16 -32.13 38.96
CA LYS E 73 -1.25 -31.81 38.04
C LYS E 73 -0.69 -31.31 36.73
N GLY E 74 -1.60 -31.10 35.77
CA GLY E 74 -1.22 -30.65 34.44
C GLY E 74 -1.01 -29.14 34.36
N LEU E 75 -0.64 -28.70 33.16
CA LEU E 75 -0.38 -27.29 32.93
C LEU E 75 -1.66 -26.47 33.00
N GLU E 76 -1.53 -25.24 33.50
CA GLU E 76 -2.65 -24.34 33.66
C GLU E 76 -2.28 -22.95 33.15
N TRP E 77 -3.19 -22.33 32.40
CA TRP E 77 -2.95 -21.00 31.87
C TRP E 77 -2.97 -19.95 32.98
N VAL E 78 -2.19 -18.90 32.79
CA VAL E 78 -2.11 -17.82 33.77
C VAL E 78 -2.48 -16.48 33.12
N ALA E 79 -1.70 -16.06 32.14
CA ALA E 79 -1.91 -14.76 31.51
C ALA E 79 -1.15 -14.70 30.19
N TYR E 80 -1.45 -13.67 29.41
CA TYR E 80 -0.88 -13.50 28.08
C TYR E 80 -0.82 -12.02 27.73
N ILE E 81 0.21 -11.66 26.97
CA ILE E 81 0.41 -10.29 26.51
C ILE E 81 0.68 -10.32 25.01
N SER E 82 0.20 -9.30 24.31
CA SER E 82 0.34 -9.23 22.86
C SER E 82 1.73 -8.68 22.49
N SER E 83 1.92 -8.40 21.21
CA SER E 83 3.22 -7.92 20.73
C SER E 83 3.54 -6.53 21.27
N GLY E 84 2.59 -5.60 21.15
CA GLY E 84 2.79 -4.25 21.62
C GLY E 84 2.21 -4.02 22.99
N SER E 85 1.95 -5.10 23.73
CA SER E 85 1.30 -5.06 25.04
C SER E 85 0.00 -4.25 24.98
N GLY E 86 -0.75 -4.41 23.88
CA GLY E 86 -2.00 -3.71 23.71
C GLY E 86 -3.18 -4.48 24.27
N THR E 87 -3.37 -5.71 23.81
CA THR E 87 -4.45 -6.57 24.27
C THR E 87 -3.91 -7.54 25.31
N ILE E 88 -4.47 -7.49 26.51
CA ILE E 88 -4.01 -8.29 27.64
C ILE E 88 -5.20 -9.02 28.24
N TYR E 89 -5.12 -10.34 28.30
CA TYR E 89 -6.16 -11.18 28.89
C TYR E 89 -5.64 -11.80 30.18
N TYR E 90 -6.52 -12.50 30.88
CA TYR E 90 -6.18 -13.04 32.19
C TYR E 90 -6.95 -14.33 32.42
N ALA E 91 -6.44 -15.14 33.34
CA ALA E 91 -7.14 -16.35 33.75
C ALA E 91 -8.38 -15.97 34.58
N ASP E 92 -9.53 -16.54 34.22
CA ASP E 92 -10.76 -16.20 34.90
C ASP E 92 -10.75 -16.64 36.37
N THR E 93 -10.02 -17.71 36.68
CA THR E 93 -9.97 -18.20 38.06
C THR E 93 -9.29 -17.19 38.97
N VAL E 94 -8.12 -16.69 38.57
CA VAL E 94 -7.36 -15.71 39.34
C VAL E 94 -7.00 -14.57 38.40
N LYS E 95 -7.66 -13.42 38.57
CA LYS E 95 -7.43 -12.28 37.70
C LYS E 95 -7.16 -11.03 38.52
N GLY E 96 -7.78 -10.93 39.70
CA GLY E 96 -7.65 -9.75 40.53
C GLY E 96 -6.37 -9.68 41.35
N ARG E 97 -5.60 -10.77 41.42
CA ARG E 97 -4.38 -10.80 42.22
C ARG E 97 -3.15 -11.11 41.37
N PHE E 98 -3.19 -10.78 40.08
CA PHE E 98 -2.09 -11.06 39.17
C PHE E 98 -1.76 -9.80 38.38
N THR E 99 -0.48 -9.58 38.12
CA THR E 99 -0.02 -8.47 37.30
C THR E 99 1.01 -9.00 36.31
N ILE E 100 1.02 -8.45 35.10
CA ILE E 100 1.96 -8.91 34.09
C ILE E 100 2.34 -7.73 33.21
N SER E 101 3.60 -7.72 32.76
CA SER E 101 4.08 -6.64 31.92
C SER E 101 5.35 -7.09 31.21
N ARG E 102 5.91 -6.20 30.39
CA ARG E 102 7.07 -6.51 29.57
C ARG E 102 7.81 -5.23 29.22
N ASP E 103 9.12 -5.37 29.01
CA ASP E 103 9.96 -4.26 28.59
C ASP E 103 10.85 -4.76 27.46
N ASP E 104 10.57 -4.29 26.24
CA ASP E 104 11.36 -4.68 25.07
C ASP E 104 12.79 -4.18 25.14
N PRO E 105 13.06 -2.89 25.38
CA PRO E 105 14.47 -2.46 25.48
C PRO E 105 15.23 -3.13 26.60
N LYS E 106 14.57 -3.42 27.73
CA LYS E 106 15.17 -4.19 28.81
C LYS E 106 15.20 -5.68 28.52
N ASN E 107 14.56 -6.11 27.43
CA ASN E 107 14.61 -7.50 26.97
C ASN E 107 14.04 -8.46 28.01
N THR E 108 13.03 -8.04 28.76
CA THR E 108 12.57 -8.85 29.89
C THR E 108 11.08 -8.66 30.11
N LEU E 109 10.37 -9.77 30.27
CA LEU E 109 8.93 -9.75 30.54
C LEU E 109 8.68 -10.39 31.89
N PHE E 110 7.91 -9.71 32.75
CA PHE E 110 7.82 -10.10 34.15
C PHE E 110 6.37 -10.19 34.61
N LEU E 111 6.19 -10.96 35.68
CA LEU E 111 4.89 -11.20 36.30
C LEU E 111 4.99 -10.94 37.80
N GLN E 112 3.90 -10.46 38.38
CA GLN E 112 3.83 -10.04 39.77
C GLN E 112 2.68 -10.78 40.44
N MET E 113 2.98 -11.49 41.52
CA MET E 113 2.02 -12.26 42.29
C MET E 113 1.82 -11.59 43.64
N THR E 114 0.56 -11.43 44.04
CA THR E 114 0.24 -10.82 45.33
C THR E 114 -0.92 -11.58 45.97
N SER E 115 -0.92 -11.63 47.29
CA SER E 115 -1.93 -12.33 48.09
C SER E 115 -2.15 -13.75 47.57
N LEU E 116 -1.04 -14.47 47.40
CA LEU E 116 -1.10 -15.83 46.91
C LEU E 116 -1.64 -16.78 47.97
N ARG E 117 -2.05 -17.97 47.54
CA ARG E 117 -2.64 -18.96 48.42
C ARG E 117 -1.90 -20.29 48.33
N SER E 118 -2.43 -21.32 48.99
CA SER E 118 -1.82 -22.65 48.90
C SER E 118 -2.05 -23.29 47.54
N GLU E 119 -3.07 -22.85 46.80
CA GLU E 119 -3.30 -23.39 45.46
C GLU E 119 -2.17 -23.01 44.51
N ASP E 120 -1.64 -21.79 44.65
CA ASP E 120 -0.56 -21.35 43.77
C ASP E 120 0.78 -21.85 44.24
N THR E 121 0.89 -23.16 44.45
CA THR E 121 2.16 -23.83 44.73
C THR E 121 2.49 -24.64 43.49
N ALA E 122 3.15 -24.01 42.53
CA ALA E 122 3.36 -24.61 41.22
C ALA E 122 4.61 -24.02 40.60
N MET E 123 5.13 -24.73 39.59
CA MET E 123 6.33 -24.32 38.88
C MET E 123 5.93 -23.80 37.51
N TYR E 124 6.49 -22.67 37.11
CA TYR E 124 5.95 -21.85 36.03
C TYR E 124 6.72 -22.05 34.73
N TYR E 125 6.08 -21.64 33.63
CA TYR E 125 6.65 -21.71 32.29
C TYR E 125 6.39 -20.40 31.56
N CYS E 126 7.35 -20.02 30.73
CA CYS E 126 7.34 -18.80 29.94
C CYS E 126 7.33 -19.18 28.48
N VAL E 127 6.31 -18.74 27.74
CA VAL E 127 6.01 -19.28 26.42
C VAL E 127 5.94 -18.15 25.41
N ARG E 128 6.59 -18.32 24.26
CA ARG E 128 6.47 -17.39 23.14
C ARG E 128 5.40 -17.89 22.18
N SER E 129 4.90 -16.97 21.35
CA SER E 129 3.92 -17.31 20.33
C SER E 129 3.79 -16.13 19.37
N ILE E 130 3.69 -16.43 18.08
CA ILE E 130 3.52 -15.43 17.04
C ILE E 130 2.25 -15.76 16.27
N TYR E 131 1.51 -14.72 15.89
CA TYR E 131 0.17 -14.88 15.31
C TYR E 131 0.12 -14.23 13.94
N TYR E 132 0.20 -15.05 12.89
CA TYR E 132 -0.06 -14.61 11.53
C TYR E 132 -0.40 -15.85 10.71
N TYR E 133 -0.88 -15.64 9.49
CA TYR E 133 -1.32 -16.75 8.65
C TYR E 133 -0.14 -17.67 8.36
N GLY E 134 -0.19 -18.89 8.89
CA GLY E 134 0.89 -19.83 8.74
C GLY E 134 1.85 -19.89 9.91
N SER E 135 1.54 -19.22 11.02
CA SER E 135 2.42 -19.20 12.17
C SER E 135 2.24 -20.46 13.00
N SER E 136 3.16 -20.65 13.95
CA SER E 136 3.17 -21.80 14.85
C SER E 136 3.26 -21.29 16.27
N PRO E 137 2.13 -20.94 16.90
CA PRO E 137 2.17 -20.45 18.27
C PRO E 137 2.67 -21.50 19.24
N PHE E 138 3.12 -21.03 20.41
CA PHE E 138 3.71 -21.90 21.43
C PHE E 138 4.90 -22.66 20.87
N ASP E 139 5.73 -21.95 20.08
CA ASP E 139 6.85 -22.60 19.40
C ASP E 139 7.90 -23.08 20.41
N PHE E 140 8.28 -22.22 21.34
CA PHE E 140 9.34 -22.53 22.30
C PHE E 140 8.83 -22.29 23.71
N TRP E 141 9.19 -23.20 24.61
CA TRP E 141 8.82 -23.12 26.02
C TRP E 141 10.07 -22.87 26.85
N GLY E 142 9.97 -21.96 27.81
CA GLY E 142 11.10 -21.63 28.65
C GLY E 142 11.49 -22.77 29.57
N GLN E 143 12.68 -22.62 30.18
CA GLN E 143 13.18 -23.66 31.08
C GLN E 143 12.28 -23.84 32.28
N GLY E 144 11.83 -22.75 32.87
CA GLY E 144 10.92 -22.84 34.00
C GLY E 144 11.62 -22.64 35.32
N THR E 145 10.90 -22.04 36.27
CA THR E 145 11.38 -21.85 37.63
C THR E 145 10.30 -22.29 38.61
N THR E 146 10.72 -22.75 39.78
CA THR E 146 9.83 -23.32 40.77
C THR E 146 9.41 -22.28 41.80
N LEU E 147 8.30 -22.58 42.48
CA LEU E 147 7.77 -21.70 43.52
C LEU E 147 6.89 -22.53 44.43
N THR E 148 7.14 -22.45 45.75
CA THR E 148 6.40 -23.20 46.74
C THR E 148 6.02 -22.29 47.90
N VAL E 149 5.35 -22.86 48.89
CA VAL E 149 4.93 -22.11 50.07
C VAL E 149 5.33 -22.85 51.33
N SER E 166 -20.32 -24.12 32.57
CA SER E 166 -18.87 -24.23 32.54
C SER E 166 -18.34 -23.92 31.15
N ASP E 167 -17.05 -23.58 31.07
CA ASP E 167 -16.42 -23.24 29.82
C ASP E 167 -15.81 -24.50 29.19
N ILE E 168 -14.97 -24.32 28.17
CA ILE E 168 -14.44 -25.44 27.41
C ILE E 168 -13.52 -26.27 28.28
N VAL E 169 -13.77 -27.58 28.33
CA VAL E 169 -12.92 -28.53 29.03
C VAL E 169 -12.64 -29.69 28.09
N MET E 170 -11.51 -30.36 28.32
CA MET E 170 -11.11 -31.53 27.55
C MET E 170 -11.20 -32.79 28.41
N THR E 171 -11.04 -33.94 27.76
CA THR E 171 -11.17 -35.23 28.43
C THR E 171 -10.11 -36.19 27.90
N GLN E 172 -9.02 -36.32 28.64
CA GLN E 172 -8.01 -37.35 28.36
C GLN E 172 -8.23 -38.49 29.35
N ALA E 173 -9.18 -39.36 29.00
CA ALA E 173 -9.55 -40.46 29.89
C ALA E 173 -8.39 -41.42 30.11
N THR E 174 -7.67 -41.77 29.04
CA THR E 174 -6.56 -42.70 29.15
C THR E 174 -5.41 -42.06 29.91
N SER E 175 -4.69 -42.88 30.67
CA SER E 175 -3.57 -42.42 31.48
C SER E 175 -2.25 -43.08 31.14
N SER E 176 -2.24 -44.40 30.93
CA SER E 176 -0.99 -45.11 30.66
C SER E 176 -1.30 -46.29 29.74
N VAL E 177 -0.76 -46.26 28.53
CA VAL E 177 -0.91 -47.36 27.57
C VAL E 177 0.47 -47.79 27.09
N PRO E 178 1.11 -48.76 27.76
CA PRO E 178 2.41 -49.23 27.27
C PRO E 178 2.28 -49.89 25.91
N VAL E 179 3.34 -49.75 25.10
CA VAL E 179 3.35 -50.26 23.74
C VAL E 179 4.65 -51.04 23.51
N THR E 180 4.73 -51.68 22.34
CA THR E 180 5.88 -52.45 21.90
C THR E 180 6.56 -51.78 20.71
N PRO E 181 7.86 -51.99 20.52
CA PRO E 181 8.54 -51.37 19.38
C PRO E 181 7.96 -51.85 18.05
N GLY E 182 7.99 -50.96 17.05
CA GLY E 182 7.45 -51.27 15.75
C GLY E 182 5.95 -51.44 15.72
N GLU E 183 5.22 -50.58 16.44
CA GLU E 183 3.76 -50.65 16.49
C GLU E 183 3.20 -49.25 16.61
N SER E 184 2.09 -49.01 15.90
CA SER E 184 1.46 -47.69 15.92
C SER E 184 0.89 -47.39 17.30
N VAL E 185 1.10 -46.18 17.78
CA VAL E 185 0.62 -45.72 19.08
C VAL E 185 -0.32 -44.55 18.84
N SER E 186 -1.52 -44.64 19.41
CA SER E 186 -2.55 -43.62 19.24
C SER E 186 -2.98 -43.06 20.59
N ILE E 187 -3.08 -41.74 20.67
CA ILE E 187 -3.52 -41.04 21.87
C ILE E 187 -4.68 -40.14 21.48
N SER E 188 -5.78 -40.22 22.24
CA SER E 188 -7.01 -39.54 21.91
C SER E 188 -7.34 -38.46 22.93
N CYS E 189 -8.01 -37.40 22.45
CA CYS E 189 -8.48 -36.31 23.28
C CYS E 189 -9.83 -35.85 22.75
N ARG E 190 -10.59 -35.18 23.61
CA ARG E 190 -11.95 -34.76 23.28
C ARG E 190 -12.17 -33.33 23.75
N SER E 191 -13.20 -32.71 23.19
CA SER E 191 -13.58 -31.34 23.53
C SER E 191 -15.07 -31.27 23.78
N SER E 192 -15.47 -30.37 24.70
CA SER E 192 -16.89 -30.20 24.99
C SER E 192 -17.61 -29.52 23.83
N LYS E 193 -17.00 -28.48 23.24
CA LYS E 193 -17.55 -27.78 22.10
C LYS E 193 -16.68 -28.04 20.88
N SER E 194 -17.32 -28.23 19.73
CA SER E 194 -16.58 -28.46 18.50
C SER E 194 -15.62 -27.31 18.22
N LEU E 195 -14.38 -27.63 17.88
CA LEU E 195 -13.33 -26.65 17.70
C LEU E 195 -13.23 -26.15 16.26
N LEU E 196 -14.12 -26.59 15.38
CA LEU E 196 -14.09 -26.15 13.99
C LEU E 196 -14.67 -24.75 13.87
N HIS E 197 -13.94 -23.86 13.21
CA HIS E 197 -14.38 -22.49 13.00
C HIS E 197 -14.91 -22.34 11.57
N SER E 198 -15.37 -21.14 11.24
CA SER E 198 -15.87 -20.88 9.90
C SER E 198 -14.76 -20.83 8.86
N ASN E 199 -13.53 -20.52 9.28
CA ASN E 199 -12.42 -20.45 8.33
C ASN E 199 -12.03 -21.82 7.78
N GLY E 200 -12.39 -22.90 8.46
CA GLY E 200 -12.05 -24.23 8.04
C GLY E 200 -10.86 -24.86 8.72
N ASN E 201 -10.28 -24.19 9.72
CA ASN E 201 -9.14 -24.71 10.45
C ASN E 201 -9.53 -24.97 11.89
N THR E 202 -9.18 -26.14 12.40
CA THR E 202 -9.51 -26.53 13.77
C THR E 202 -8.35 -26.15 14.69
N TYR E 203 -8.63 -25.27 15.66
CA TYR E 203 -7.59 -24.76 16.56
C TYR E 203 -7.38 -25.74 17.69
N LEU E 204 -6.53 -26.74 17.46
CA LEU E 204 -6.12 -27.68 18.50
C LEU E 204 -4.62 -27.88 18.42
N TYR E 205 -4.01 -28.09 19.58
CA TYR E 205 -2.56 -28.22 19.69
C TYR E 205 -2.23 -29.44 20.54
N TRP E 206 -1.02 -29.97 20.33
CA TRP E 206 -0.50 -31.07 21.13
C TRP E 206 0.82 -30.66 21.77
N PHE E 207 1.00 -31.02 23.03
CA PHE E 207 2.07 -30.50 23.88
C PHE E 207 2.77 -31.62 24.63
N LEU E 208 3.19 -32.66 23.90
CA LEU E 208 3.92 -33.75 24.52
C LEU E 208 5.17 -33.24 25.23
N GLN E 209 5.35 -33.67 26.48
CA GLN E 209 6.45 -33.21 27.33
C GLN E 209 7.32 -34.40 27.70
N ARG E 210 8.62 -34.27 27.47
CA ARG E 210 9.56 -35.30 27.88
C ARG E 210 9.70 -35.33 29.40
N PRO E 211 9.94 -36.50 29.99
CA PRO E 211 9.97 -36.60 31.45
C PRO E 211 11.23 -36.01 32.07
N GLY E 212 11.23 -34.70 32.30
CA GLY E 212 12.35 -34.06 32.97
C GLY E 212 12.68 -32.68 32.46
N GLN E 213 12.11 -32.30 31.31
CA GLN E 213 12.35 -30.99 30.72
C GLN E 213 11.05 -30.28 30.37
N SER E 214 11.15 -29.15 29.68
CA SER E 214 9.99 -28.34 29.37
C SER E 214 9.13 -29.00 28.28
N PRO E 215 7.85 -28.69 28.24
CA PRO E 215 6.99 -29.25 27.20
C PRO E 215 7.37 -28.73 25.81
N GLN E 216 7.04 -29.53 24.81
CA GLN E 216 7.37 -29.23 23.42
C GLN E 216 6.11 -29.16 22.56
N LEU E 217 6.21 -28.41 21.47
CA LEU E 217 5.13 -28.28 20.50
C LEU E 217 5.30 -29.32 19.39
N LEU E 218 4.29 -30.14 19.17
CA LEU E 218 4.33 -31.17 18.15
C LEU E 218 3.35 -30.91 17.01
N ILE E 219 2.07 -30.79 17.33
CA ILE E 219 1.00 -30.61 16.33
C ILE E 219 0.31 -29.29 16.62
N TYR E 220 0.18 -28.45 15.60
CA TYR E 220 -0.56 -27.21 15.70
C TYR E 220 -1.66 -27.16 14.64
N ARG E 221 -2.82 -26.65 15.04
CA ARG E 221 -4.00 -26.53 14.17
C ARG E 221 -4.50 -27.88 13.69
N MET E 222 -4.32 -28.93 14.50
CA MET E 222 -5.08 -30.17 14.39
C MET E 222 -4.67 -31.00 13.17
N SER E 223 -3.91 -30.42 12.27
CA SER E 223 -3.42 -31.20 11.13
C SER E 223 -1.93 -31.05 10.89
N ASN E 224 -1.38 -29.86 11.10
CA ASN E 224 -0.04 -29.54 10.65
C ASN E 224 1.01 -30.11 11.61
N LEU E 225 2.27 -29.81 11.30
CA LEU E 225 3.41 -30.31 12.06
C LEU E 225 4.38 -29.17 12.33
N ALA E 226 4.99 -29.17 13.51
CA ALA E 226 5.93 -28.12 13.88
C ALA E 226 7.24 -28.30 13.12
N SER E 227 8.21 -27.46 13.46
CA SER E 227 9.46 -27.42 12.70
C SER E 227 10.34 -28.63 12.99
N GLY E 228 10.80 -28.76 14.23
CA GLY E 228 11.73 -29.80 14.59
C GLY E 228 11.10 -31.08 15.10
N VAL E 229 10.18 -31.66 14.34
CA VAL E 229 9.50 -32.88 14.74
C VAL E 229 9.69 -33.96 13.68
N PRO E 230 9.95 -35.20 14.06
CA PRO E 230 9.97 -36.30 13.08
C PRO E 230 8.60 -36.48 12.44
N ASP E 231 8.60 -37.00 11.22
CA ASP E 231 7.37 -37.17 10.45
C ASP E 231 6.47 -38.27 11.00
N ARG E 232 6.95 -39.06 11.97
CA ARG E 232 6.13 -40.16 12.50
C ARG E 232 4.87 -39.63 13.17
N PHE E 233 4.98 -38.55 13.93
CA PHE E 233 3.81 -37.98 14.59
C PHE E 233 2.85 -37.41 13.56
N SER E 234 1.56 -37.75 13.71
CA SER E 234 0.55 -37.25 12.79
C SER E 234 -0.77 -37.07 13.52
N GLY E 235 -1.41 -35.92 13.33
CA GLY E 235 -2.69 -35.66 13.94
C GLY E 235 -3.85 -35.94 13.00
N SER E 236 -4.97 -36.38 13.58
CA SER E 236 -6.15 -36.72 12.80
C SER E 236 -7.38 -36.58 13.68
N GLY E 237 -8.54 -36.72 13.06
CA GLY E 237 -9.80 -36.58 13.75
C GLY E 237 -10.89 -36.14 12.79
N SER E 238 -11.98 -35.64 13.37
CA SER E 238 -13.12 -35.21 12.57
C SER E 238 -13.56 -33.79 12.93
N GLY E 239 -13.36 -33.41 14.18
CA GLY E 239 -13.76 -32.08 14.63
C GLY E 239 -14.33 -32.07 16.04
N THR E 240 -14.59 -33.24 16.58
CA THR E 240 -15.08 -33.38 17.94
C THR E 240 -14.20 -34.29 18.80
N ALA E 241 -13.64 -35.35 18.22
CA ALA E 241 -12.67 -36.20 18.89
C ALA E 241 -11.41 -36.23 18.05
N PHE E 242 -10.26 -35.93 18.68
CA PHE E 242 -9.01 -35.79 17.98
C PHE E 242 -8.02 -36.83 18.48
N THR E 243 -7.02 -37.14 17.65
CA THR E 243 -6.06 -38.17 18.01
C THR E 243 -4.72 -37.86 17.37
N LEU E 244 -3.67 -38.42 17.97
CA LEU E 244 -2.31 -38.31 17.46
C LEU E 244 -1.74 -39.72 17.38
N THR E 245 -1.16 -40.06 16.22
CA THR E 245 -0.65 -41.39 15.94
C THR E 245 0.83 -41.32 15.61
N ILE E 246 1.59 -42.30 16.10
CA ILE E 246 3.02 -42.43 15.85
C ILE E 246 3.27 -43.82 15.27
N SER E 247 3.98 -43.87 14.16
CA SER E 247 4.27 -45.15 13.51
C SER E 247 5.45 -45.86 14.16
N ARG E 248 6.62 -45.21 14.16
CA ARG E 248 7.82 -45.77 14.75
C ARG E 248 8.10 -45.09 16.08
N LEU E 249 8.38 -45.90 17.10
CA LEU E 249 8.60 -45.40 18.46
C LEU E 249 10.05 -45.66 18.87
N GLU E 250 10.61 -44.72 19.64
CA GLU E 250 11.97 -44.82 20.12
C GLU E 250 11.99 -44.33 21.57
N ALA E 251 13.19 -44.25 22.14
CA ALA E 251 13.34 -43.80 23.53
C ALA E 251 12.89 -42.36 23.70
N GLU E 252 13.23 -41.50 22.75
CA GLU E 252 12.85 -40.09 22.84
C GLU E 252 11.35 -39.87 22.76
N ASP E 253 10.60 -40.83 22.22
CA ASP E 253 9.15 -40.69 22.12
C ASP E 253 8.44 -40.84 23.45
N VAL E 254 9.14 -41.27 24.50
CA VAL E 254 8.51 -41.45 25.80
C VAL E 254 8.21 -40.09 26.42
N GLY E 255 6.98 -39.91 26.88
CA GLY E 255 6.60 -38.65 27.47
C GLY E 255 5.12 -38.63 27.79
N VAL E 256 4.66 -37.48 28.24
CA VAL E 256 3.24 -37.26 28.57
C VAL E 256 2.69 -36.24 27.58
N TYR E 257 1.59 -36.61 26.92
CA TYR E 257 1.04 -35.83 25.81
C TYR E 257 -0.17 -35.03 26.29
N TYR E 258 -0.20 -33.75 25.95
CA TYR E 258 -1.25 -32.84 26.39
C TYR E 258 -1.95 -32.25 25.17
N CYS E 259 -3.27 -32.18 25.22
CA CYS E 259 -4.06 -31.53 24.18
C CYS E 259 -4.45 -30.12 24.64
N MET E 260 -4.67 -29.25 23.66
CA MET E 260 -4.81 -27.82 23.94
C MET E 260 -5.79 -27.19 22.96
N GLN E 261 -6.61 -26.25 23.47
CA GLN E 261 -7.58 -25.53 22.67
C GLN E 261 -7.20 -24.06 22.56
N HIS E 262 -7.70 -23.41 21.49
CA HIS E 262 -7.38 -22.00 21.28
C HIS E 262 -8.56 -21.19 20.74
N LEU E 263 -9.69 -21.85 20.49
CA LEU E 263 -10.79 -21.02 19.94
C LEU E 263 -11.02 -19.91 20.94
N GLU E 264 -10.83 -20.26 22.20
CA GLU E 264 -11.17 -19.31 23.26
C GLU E 264 -9.88 -18.94 23.96
N TYR E 265 -9.68 -17.65 24.17
CA TYR E 265 -8.45 -17.11 24.78
C TYR E 265 -8.28 -17.61 26.23
N PRO E 266 -9.26 -18.05 27.04
CA PRO E 266 -8.99 -18.59 28.36
C PRO E 266 -8.05 -19.75 28.03
N LEU E 267 -8.22 -20.49 26.95
CA LEU E 267 -7.15 -21.45 26.53
C LEU E 267 -7.06 -22.57 27.52
N THR E 268 -8.20 -23.00 28.08
CA THR E 268 -8.01 -24.22 28.82
C THR E 268 -7.31 -25.27 28.03
N PHE E 269 -6.54 -26.07 28.65
CA PHE E 269 -5.81 -27.12 28.03
C PHE E 269 -6.05 -28.35 28.83
N GLY E 270 -5.94 -29.49 28.25
CA GLY E 270 -6.31 -30.80 28.76
C GLY E 270 -5.48 -31.45 29.79
N ALA E 271 -6.02 -32.42 30.48
CA ALA E 271 -5.32 -33.24 31.49
C ALA E 271 -4.11 -34.20 31.24
N GLY E 272 -3.91 -35.05 30.22
CA GLY E 272 -2.62 -35.82 30.02
C GLY E 272 -2.58 -37.34 29.80
N THR E 273 -1.44 -38.00 29.42
CA THR E 273 -1.42 -39.45 29.29
C THR E 273 0.04 -39.91 29.22
N LYS E 274 0.41 -40.83 30.10
CA LYS E 274 1.78 -41.30 30.15
C LYS E 274 2.05 -42.35 29.07
N LEU E 275 3.31 -42.42 28.64
CA LEU E 275 3.77 -43.40 27.67
C LEU E 275 4.83 -44.28 28.31
N GLU E 276 4.68 -45.59 28.15
CA GLU E 276 5.58 -46.56 28.74
C GLU E 276 6.14 -47.48 27.67
N LEU E 277 7.41 -47.84 27.82
CA LEU E 277 8.07 -48.73 26.87
C LEU E 277 8.95 -49.75 27.61
C2 OTR F . -23.64 35.91 14.60
C3 OTR F . -22.46 36.19 15.23
C4 OTR F . -21.36 35.28 15.12
O4 OTR F . -20.14 35.57 15.77
C5 OTR F . -21.50 34.05 14.35
C6 OTR F . -22.71 33.77 13.71
C1 OTR F . -23.84 34.72 13.82
C7 OTR F . -25.17 34.41 13.13
O7 OTR F . -26.03 35.12 13.52
C8 OTR F . -24.97 34.56 11.61
N8 OTR F . -24.54 33.29 11.06
#